data_5LM2
#
_entry.id   5LM2
#
_cell.length_a   53.490
_cell.length_b   47.650
_cell.length_c   172.710
_cell.angle_alpha   90.00
_cell.angle_beta   96.01
_cell.angle_gamma   90.00
#
_symmetry.space_group_name_H-M   'P 1 21 1'
#
loop_
_entity.id
_entity.type
_entity.pdbx_description
1 polymer 'Tyrosine-protein phosphatase non-receptor type 23'
2 water water
#
_entity_poly.entity_id   1
_entity_poly.type   'polypeptide(L)'
_entity_poly.pdbx_seq_one_letter_code
;P(MSE)AAHEASSLYSEEKAKLLRE(MSE)(MSE)AKIEDKNEVLDQF(MSE)DS(MSE)QLDPETVDNLDAYSHIPPQL
(MSE)EKCAALSVRPDTVRNLVQS(MSE)QVLSGVFTDVEASLKDIRDLLEEDELLEQKFQEAVGQAGAISITSKAELAE
VRREWAKY(MSE)EVHEKASFTNSELHRA(MSE)NLHVGNLRLLSGPLDQVRAALPTPALSPEDKAVLQNLKRILAKVQE
(MSE)RDQRVSLEQQLRELIQKDDITASLVTTDHSE(MSE)KKLFEEQLKKYDQLKVYLEQNLAAQDRVLCALTEANVQY
AAVRRVLSDLDQKWNSTLQTLVASYEAYEDL(MSE)KKSQEGRDFYADLESKVAALLERTQSTCQAREAARQQLLDRELK
;
_entity_poly.pdbx_strand_id   A,B
#
# COMPACT_ATOMS: atom_id res chain seq x y z
N LEU A 10 8.14 75.94 62.68
CA LEU A 10 8.10 75.96 64.14
C LEU A 10 7.05 74.96 64.65
N TYR A 11 5.92 74.89 63.94
CA TYR A 11 4.85 73.96 64.24
C TYR A 11 4.83 72.78 63.29
N SER A 12 5.35 72.96 62.07
CA SER A 12 5.52 71.85 61.16
C SER A 12 6.47 70.80 61.72
N GLU A 13 7.33 71.19 62.67
CA GLU A 13 8.25 70.22 63.25
C GLU A 13 7.53 69.28 64.20
N GLU A 14 6.53 69.77 64.94
CA GLU A 14 5.69 68.90 65.75
C GLU A 14 4.97 67.88 64.87
N LYS A 15 4.36 68.36 63.77
CA LYS A 15 3.69 67.44 62.85
C LYS A 15 4.66 66.43 62.26
N ALA A 16 5.87 66.89 61.91
CA ALA A 16 6.88 65.98 61.38
C ALA A 16 7.28 64.96 62.43
N LYS A 17 7.25 65.32 63.71
CA LYS A 17 7.53 64.38 64.78
C LYS A 17 6.44 63.32 64.87
N LEU A 18 5.18 63.75 65.02
CA LEU A 18 4.05 62.82 65.04
C LEU A 18 4.12 61.86 63.86
N LEU A 19 4.30 62.40 62.65
CA LEU A 19 4.41 61.58 61.45
C LEU A 19 5.59 60.63 61.54
N ARG A 20 6.71 61.08 62.11
CA ARG A 20 7.88 60.22 62.23
C ARG A 20 7.60 59.02 63.12
N GLU A 21 6.98 59.27 64.29
CA GLU A 21 6.62 58.17 65.18
C GLU A 21 5.70 57.18 64.47
N MSE A 22 4.61 57.68 63.90
CA MSE A 22 3.65 56.81 63.24
C MSE A 22 4.30 56.00 62.12
O MSE A 22 3.97 54.82 61.92
CB MSE A 22 2.47 57.61 62.69
CG MSE A 22 1.62 58.31 63.76
SE MSE A 22 1.00 57.13 65.19
CE MSE A 22 0.45 55.59 64.12
N MSE A 23 5.23 56.62 61.39
CA MSE A 23 5.91 55.94 60.28
C MSE A 23 6.90 54.89 60.79
O MSE A 23 7.14 53.89 60.12
CB MSE A 23 6.63 56.96 59.39
CG MSE A 23 5.70 57.83 58.52
SE MSE A 23 4.43 56.83 57.40
CE MSE A 23 5.66 55.54 56.60
N ALA A 24 7.48 55.13 61.97
CA ALA A 24 8.32 54.10 62.58
C ALA A 24 7.50 52.87 62.94
N LYS A 25 6.35 53.08 63.58
CA LYS A 25 5.47 51.96 63.89
C LYS A 25 5.02 51.23 62.63
N ILE A 26 4.55 51.98 61.63
CA ILE A 26 4.08 51.36 60.39
C ILE A 26 5.21 50.58 59.72
N GLU A 27 6.44 51.09 59.79
CA GLU A 27 7.55 50.45 59.11
C GLU A 27 7.95 49.16 59.80
N ASP A 28 8.01 49.16 61.14
CA ASP A 28 8.29 47.92 61.85
C ASP A 28 7.23 46.87 61.56
N LYS A 29 5.95 47.22 61.77
CA LYS A 29 4.88 46.25 61.55
C LYS A 29 4.88 45.72 60.12
N ASN A 30 5.02 46.62 59.13
CA ASN A 30 5.09 46.19 57.75
C ASN A 30 6.26 45.25 57.53
N GLU A 31 7.40 45.52 58.18
CA GLU A 31 8.57 44.67 58.00
C GLU A 31 8.30 43.25 58.49
N VAL A 32 7.84 43.09 59.73
CA VAL A 32 7.51 41.76 60.23
C VAL A 32 6.48 41.09 59.33
N LEU A 33 5.41 41.81 59.00
CA LEU A 33 4.36 41.26 58.14
C LEU A 33 4.96 40.69 56.85
N ASP A 34 5.82 41.49 56.19
CA ASP A 34 6.43 41.04 54.94
C ASP A 34 7.31 39.81 55.16
N GLN A 35 8.02 39.74 56.29
CA GLN A 35 8.82 38.57 56.58
C GLN A 35 7.95 37.32 56.66
N PHE A 36 6.83 37.39 57.38
CA PHE A 36 5.95 36.23 57.48
C PHE A 36 5.37 35.86 56.12
N MSE A 37 4.79 36.84 55.43
CA MSE A 37 4.12 36.60 54.15
C MSE A 37 5.07 36.01 53.11
O MSE A 37 4.73 35.03 52.43
CB MSE A 37 3.51 37.90 53.63
CG MSE A 37 2.36 38.42 54.49
SE MSE A 37 0.82 37.21 54.46
CE MSE A 37 0.34 37.40 52.57
N ASP A 38 6.27 36.59 52.99
CA ASP A 38 7.24 36.07 52.05
C ASP A 38 7.80 34.73 52.50
N SER A 39 7.86 34.47 53.82
CA SER A 39 8.31 33.18 54.31
C SER A 39 7.28 32.09 54.11
N MSE A 40 6.03 32.44 53.87
CA MSE A 40 4.98 31.43 53.69
C MSE A 40 4.64 31.16 52.23
O MSE A 40 3.81 30.31 51.92
CB MSE A 40 3.71 31.84 54.44
CG MSE A 40 3.72 31.45 55.90
SE MSE A 40 2.06 31.90 56.79
CE MSE A 40 2.26 33.84 56.79
N GLN A 41 5.28 31.89 51.31
CA GLN A 41 5.00 31.78 49.88
C GLN A 41 3.52 32.03 49.58
N LEU A 42 2.86 32.80 50.43
CA LEU A 42 1.46 33.14 50.26
C LEU A 42 1.33 34.55 49.71
N ASP A 43 0.40 34.72 48.77
CA ASP A 43 0.16 36.00 48.13
C ASP A 43 -1.33 36.13 47.85
N PRO A 44 -1.91 37.33 48.00
CA PRO A 44 -3.34 37.50 47.70
C PRO A 44 -3.72 37.07 46.29
N GLU A 45 -2.71 36.89 45.43
CA GLU A 45 -2.92 36.25 44.12
C GLU A 45 -2.63 34.75 44.25
N THR A 46 -3.41 34.10 45.11
CA THR A 46 -3.14 32.72 45.50
C THR A 46 -2.92 31.85 44.28
N VAL A 47 -1.92 30.96 44.39
CA VAL A 47 -1.59 30.04 43.30
C VAL A 47 -2.37 28.75 43.50
N ASP A 48 -3.69 28.88 43.63
CA ASP A 48 -4.58 27.72 43.65
C ASP A 48 -5.25 27.46 42.32
N ASN A 49 -5.28 28.46 41.44
CA ASN A 49 -5.80 28.32 40.08
C ASN A 49 -7.15 27.60 40.10
N LEU A 50 -7.15 26.27 40.14
CA LEU A 50 -8.37 25.48 40.10
C LEU A 50 -9.20 25.79 38.85
N ASP A 51 -9.58 27.05 38.66
CA ASP A 51 -10.24 27.44 37.42
C ASP A 51 -9.41 27.07 36.20
N ALA A 52 -8.10 27.30 36.27
CA ALA A 52 -7.24 27.10 35.11
C ALA A 52 -7.26 25.65 34.64
N TYR A 53 -7.32 24.71 35.58
CA TYR A 53 -7.18 23.30 35.23
C TYR A 53 -8.25 22.83 34.26
N SER A 54 -9.44 23.44 34.31
CA SER A 54 -10.56 22.98 33.50
C SER A 54 -10.65 23.68 32.14
N HIS A 55 -9.92 24.78 31.96
CA HIS A 55 -9.99 25.58 30.73
C HIS A 55 -8.87 25.16 29.78
N ILE A 56 -9.23 24.69 28.60
CA ILE A 56 -8.21 24.36 27.59
C ILE A 56 -7.44 25.63 27.24
N PRO A 57 -6.11 25.60 27.20
CA PRO A 57 -5.34 26.79 26.84
C PRO A 57 -5.74 27.29 25.46
N PRO A 58 -5.93 28.61 25.30
CA PRO A 58 -6.28 29.14 23.97
C PRO A 58 -5.39 28.62 22.85
N GLN A 59 -4.08 28.58 23.07
CA GLN A 59 -3.15 28.14 22.02
C GLN A 59 -3.45 26.71 21.58
N LEU A 60 -3.87 25.85 22.51
CA LEU A 60 -4.21 24.48 22.18
C LEU A 60 -5.45 24.41 21.28
N MSE A 61 -6.50 25.15 21.64
CA MSE A 61 -7.71 25.19 20.82
C MSE A 61 -7.39 25.77 19.45
O MSE A 61 -7.94 25.31 18.44
CB MSE A 61 -8.78 26.02 21.51
CG MSE A 61 -9.43 25.30 22.68
SE MSE A 61 -10.86 26.32 23.52
CE MSE A 61 -9.82 27.87 24.10
N GLU A 62 -6.50 26.76 19.39
CA GLU A 62 -6.03 27.24 18.10
C GLU A 62 -5.46 26.10 17.28
N LYS A 63 -4.60 25.27 17.89
CA LYS A 63 -4.01 24.16 17.15
C LYS A 63 -5.08 23.16 16.68
N CYS A 64 -6.05 22.84 17.55
CA CYS A 64 -7.13 21.96 17.15
C CYS A 64 -7.88 22.50 15.93
N ALA A 65 -8.33 23.76 16.01
CA ALA A 65 -9.04 24.37 14.89
C ALA A 65 -8.18 24.36 13.64
N ALA A 66 -6.86 24.56 13.78
CA ALA A 66 -5.99 24.53 12.62
C ALA A 66 -5.94 23.14 12.00
N LEU A 67 -5.98 22.10 12.83
CA LEU A 67 -6.00 20.74 12.30
C LEU A 67 -7.33 20.40 11.65
N SER A 68 -8.42 21.04 12.10
CA SER A 68 -9.73 20.74 11.51
C SER A 68 -9.82 21.16 10.05
N VAL A 69 -8.98 22.10 9.60
CA VAL A 69 -9.02 22.52 8.20
C VAL A 69 -8.26 21.56 7.29
N ARG A 70 -7.35 20.75 7.84
CA ARG A 70 -6.61 19.74 7.07
C ARG A 70 -6.77 18.40 7.78
N PRO A 71 -7.88 17.70 7.56
CA PRO A 71 -8.14 16.47 8.32
C PRO A 71 -7.35 15.25 7.87
N ASP A 72 -6.56 15.36 6.81
CA ASP A 72 -5.78 14.23 6.30
C ASP A 72 -4.36 14.21 6.85
N THR A 73 -4.12 14.87 7.98
CA THR A 73 -2.82 14.88 8.63
C THR A 73 -2.41 13.47 9.06
N VAL A 74 -3.03 12.99 10.13
CA VAL A 74 -2.69 11.67 10.68
C VAL A 74 -2.81 10.60 9.61
N ARG A 75 -3.90 10.65 8.83
CA ARG A 75 -4.13 9.65 7.79
C ARG A 75 -2.93 9.54 6.87
N ASN A 76 -2.55 10.66 6.25
CA ASN A 76 -1.45 10.64 5.29
C ASN A 76 -0.15 10.19 5.94
N LEU A 77 0.10 10.63 7.17
CA LEU A 77 1.33 10.23 7.86
C LEU A 77 1.38 8.72 8.07
N VAL A 78 0.31 8.15 8.63
CA VAL A 78 0.26 6.71 8.91
C VAL A 78 0.35 5.92 7.62
N GLN A 79 -0.39 6.32 6.59
CA GLN A 79 -0.33 5.61 5.32
C GLN A 79 1.08 5.63 4.75
N SER A 80 1.73 6.81 4.79
CA SER A 80 3.12 6.90 4.36
C SER A 80 3.98 5.87 5.08
N MSE A 81 3.81 5.75 6.39
CA MSE A 81 4.58 4.78 7.16
C MSE A 81 4.26 3.34 6.76
O MSE A 81 5.12 2.46 6.80
CB MSE A 81 4.36 4.97 8.66
CG MSE A 81 4.99 6.25 9.20
SE MSE A 81 6.92 6.31 8.95
CE MSE A 81 7.40 4.70 9.96
N GLN A 82 3.00 3.10 6.37
CA GLN A 82 2.59 1.78 5.90
C GLN A 82 3.37 1.41 4.64
N VAL A 83 3.31 2.27 3.61
CA VAL A 83 4.05 2.03 2.39
C VAL A 83 5.52 1.77 2.72
N LEU A 84 6.10 2.64 3.54
CA LEU A 84 7.51 2.53 3.88
C LEU A 84 7.83 1.15 4.47
N SER A 85 7.02 0.71 5.44
CA SER A 85 7.26 -0.58 6.07
C SER A 85 7.19 -1.71 5.04
N GLY A 86 6.14 -1.70 4.20
CA GLY A 86 6.04 -2.73 3.16
C GLY A 86 7.26 -2.81 2.28
N VAL A 87 7.76 -1.66 1.82
CA VAL A 87 8.95 -1.65 0.99
C VAL A 87 10.16 -2.15 1.77
N PHE A 88 10.22 -1.81 3.07
CA PHE A 88 11.31 -2.26 3.93
C PHE A 88 11.41 -3.79 3.93
N THR A 89 10.32 -4.45 4.34
CA THR A 89 10.34 -5.91 4.40
C THR A 89 10.52 -6.52 3.01
N ASP A 90 9.98 -5.87 1.97
CA ASP A 90 10.21 -6.37 0.61
C ASP A 90 11.70 -6.41 0.29
N VAL A 91 12.41 -5.33 0.63
CA VAL A 91 13.86 -5.28 0.40
C VAL A 91 14.54 -6.43 1.14
N GLU A 92 14.20 -6.63 2.41
CA GLU A 92 14.78 -7.74 3.16
C GLU A 92 14.56 -9.07 2.45
N ALA A 93 13.33 -9.29 1.97
CA ALA A 93 13.01 -10.56 1.32
C ALA A 93 13.83 -10.76 0.04
N SER A 94 13.94 -9.71 -0.77
CA SER A 94 14.71 -9.83 -2.01
C SER A 94 16.18 -10.12 -1.71
N LEU A 95 16.76 -9.42 -0.73
CA LEU A 95 18.14 -9.69 -0.33
C LEU A 95 18.31 -11.14 0.10
N LYS A 96 17.39 -11.66 0.92
CA LYS A 96 17.45 -13.07 1.30
C LYS A 96 17.42 -13.98 0.07
N ASP A 97 16.51 -13.72 -0.85
CA ASP A 97 16.41 -14.57 -2.06
C ASP A 97 17.71 -14.55 -2.86
N ILE A 98 18.32 -13.37 -2.99
CA ILE A 98 19.62 -13.28 -3.68
C ILE A 98 20.64 -14.17 -2.98
N ARG A 99 20.73 -14.06 -1.64
CA ARG A 99 21.65 -14.91 -0.89
C ARG A 99 21.42 -16.38 -1.20
N ASP A 100 20.17 -16.84 -1.06
CA ASP A 100 19.85 -18.25 -1.31
C ASP A 100 20.30 -18.67 -2.70
N LEU A 101 19.92 -17.92 -3.73
CA LEU A 101 20.34 -18.26 -5.09
C LEU A 101 21.85 -18.41 -5.18
N LEU A 102 22.59 -17.51 -4.54
CA LEU A 102 24.04 -17.54 -4.65
C LEU A 102 24.63 -18.77 -3.95
N GLU A 103 24.10 -19.13 -2.78
CA GLU A 103 24.60 -20.32 -2.09
C GLU A 103 24.29 -21.59 -2.88
N GLU A 104 23.09 -21.67 -3.47
CA GLU A 104 22.79 -22.80 -4.34
C GLU A 104 23.77 -22.87 -5.50
N ASP A 105 24.12 -21.71 -6.08
CA ASP A 105 25.06 -21.73 -7.19
C ASP A 105 26.44 -22.19 -6.74
N GLU A 106 26.87 -21.78 -5.55
CA GLU A 106 28.16 -22.25 -5.04
C GLU A 106 28.15 -23.77 -4.89
N LEU A 107 27.09 -24.31 -4.29
CA LEU A 107 26.94 -25.75 -4.15
C LEU A 107 27.05 -26.44 -5.52
N LEU A 108 26.18 -26.06 -6.46
CA LEU A 108 26.21 -26.68 -7.78
C LEU A 108 27.56 -26.54 -8.44
N GLU A 109 28.25 -25.42 -8.22
CA GLU A 109 29.56 -25.23 -8.85
C GLU A 109 30.58 -26.20 -8.27
N GLN A 110 30.55 -26.43 -6.95
CA GLN A 110 31.51 -27.34 -6.36
C GLN A 110 31.22 -28.78 -6.78
N LYS A 111 29.94 -29.19 -6.79
CA LYS A 111 29.59 -30.51 -7.32
C LYS A 111 30.10 -30.66 -8.75
N PHE A 112 29.74 -29.73 -9.63
CA PHE A 112 30.20 -29.79 -11.02
C PHE A 112 31.71 -29.88 -11.10
N GLN A 113 32.42 -29.09 -10.28
CA GLN A 113 33.87 -29.03 -10.36
C GLN A 113 34.52 -30.29 -9.83
N GLU A 114 33.84 -31.02 -8.94
CA GLU A 114 34.41 -32.26 -8.43
C GLU A 114 34.40 -33.35 -9.49
N ALA A 115 33.40 -33.36 -10.38
CA ALA A 115 33.28 -34.39 -11.39
C ALA A 115 33.44 -33.82 -12.79
N VAL A 116 34.54 -33.13 -13.04
CA VAL A 116 34.83 -32.63 -14.38
C VAL A 116 36.30 -32.23 -14.46
N LYS A 127 30.94 -16.40 -13.14
CA LYS A 127 32.29 -15.85 -13.12
C LYS A 127 32.28 -14.41 -13.59
N ALA A 128 33.14 -13.58 -13.00
CA ALA A 128 33.17 -12.16 -13.28
C ALA A 128 31.83 -11.51 -12.95
N GLU A 129 30.78 -11.87 -13.71
CA GLU A 129 29.44 -11.43 -13.37
C GLU A 129 29.05 -11.89 -11.97
N LEU A 130 29.37 -13.14 -11.63
CA LEU A 130 29.03 -13.66 -10.31
C LEU A 130 29.68 -12.86 -9.20
N ALA A 131 30.95 -12.52 -9.36
CA ALA A 131 31.66 -11.75 -8.34
C ALA A 131 31.03 -10.37 -8.18
N GLU A 132 30.74 -9.70 -9.29
CA GLU A 132 30.06 -8.41 -9.23
C GLU A 132 28.74 -8.53 -8.48
N VAL A 133 27.96 -9.56 -8.79
CA VAL A 133 26.67 -9.77 -8.12
C VAL A 133 26.87 -9.90 -6.61
N ARG A 134 27.84 -10.73 -6.20
CA ARG A 134 28.08 -10.93 -4.78
C ARG A 134 28.47 -9.62 -4.10
N ARG A 135 29.33 -8.84 -4.75
CA ARG A 135 29.75 -7.56 -4.17
C ARG A 135 28.56 -6.62 -4.02
N GLU A 136 27.75 -6.46 -5.08
CA GLU A 136 26.57 -5.63 -4.99
C GLU A 136 25.65 -6.09 -3.87
N TRP A 137 25.52 -7.41 -3.69
CA TRP A 137 24.68 -7.93 -2.63
C TRP A 137 25.19 -7.48 -1.26
N ALA A 138 26.49 -7.69 -0.99
CA ALA A 138 27.05 -7.22 0.27
C ALA A 138 26.82 -5.71 0.43
N LYS A 139 26.97 -4.97 -0.67
CA LYS A 139 26.81 -3.52 -0.63
C LYS A 139 25.40 -3.13 -0.18
N TYR A 140 24.38 -3.71 -0.81
CA TYR A 140 23.00 -3.37 -0.46
C TYR A 140 22.64 -3.90 0.92
N MSE A 141 23.22 -5.01 1.34
CA MSE A 141 23.06 -5.50 2.71
C MSE A 141 23.53 -4.43 3.69
O MSE A 141 22.87 -4.17 4.70
CB MSE A 141 23.84 -6.79 2.93
CG MSE A 141 23.22 -8.04 2.30
SE MSE A 141 21.66 -8.71 3.28
CE MSE A 141 22.51 -9.15 4.98
N GLU A 142 24.69 -3.83 3.40
CA GLU A 142 25.21 -2.81 4.31
C GLU A 142 24.37 -1.53 4.26
N VAL A 143 23.93 -1.13 3.06
CA VAL A 143 23.06 0.04 2.93
C VAL A 143 21.80 -0.14 3.77
N HIS A 144 21.15 -1.29 3.62
CA HIS A 144 19.98 -1.60 4.43
C HIS A 144 20.34 -1.55 5.92
N GLU A 145 21.48 -2.15 6.28
CA GLU A 145 21.91 -2.16 7.68
C GLU A 145 21.99 -0.75 8.27
N LYS A 146 22.65 0.17 7.56
CA LYS A 146 22.81 1.52 8.10
C LYS A 146 21.49 2.28 8.10
N ALA A 147 20.68 2.13 7.04
CA ALA A 147 19.40 2.84 7.00
C ALA A 147 18.46 2.36 8.10
N SER A 148 18.62 1.12 8.57
CA SER A 148 17.69 0.58 9.54
C SER A 148 17.63 1.44 10.81
N PHE A 149 18.76 2.00 11.22
CA PHE A 149 18.76 2.86 12.40
C PHE A 149 17.86 4.08 12.18
N THR A 150 18.05 4.77 11.05
CA THR A 150 17.15 5.87 10.70
C THR A 150 15.70 5.42 10.78
N ASN A 151 15.40 4.25 10.21
CA ASN A 151 14.00 3.78 10.16
C ASN A 151 13.44 3.57 11.57
N SER A 152 14.21 2.91 12.45
CA SER A 152 13.72 2.66 13.81
C SER A 152 13.57 3.96 14.59
N GLU A 153 14.45 4.94 14.34
CA GLU A 153 14.25 6.26 14.94
C GLU A 153 12.95 6.88 14.47
N LEU A 154 12.64 6.77 13.18
CA LEU A 154 11.38 7.30 12.68
C LEU A 154 10.20 6.62 13.34
N HIS A 155 10.27 5.30 13.55
CA HIS A 155 9.18 4.62 14.24
C HIS A 155 9.05 5.09 15.68
N ARG A 156 10.18 5.33 16.35
CA ARG A 156 10.14 5.82 17.73
C ARG A 156 9.46 7.19 17.79
N ALA A 157 9.80 8.09 16.88
CA ALA A 157 9.11 9.37 16.80
C ALA A 157 7.62 9.18 16.55
N MSE A 158 7.27 8.30 15.62
CA MSE A 158 5.87 8.00 15.35
C MSE A 158 5.12 7.63 16.63
O MSE A 158 4.06 8.18 16.91
CB MSE A 158 5.76 6.85 14.34
CG MSE A 158 5.90 7.30 12.90
SE MSE A 158 4.34 8.29 12.31
CE MSE A 158 3.06 6.79 12.25
N ASN A 159 5.67 6.69 17.40
CA ASN A 159 5.05 6.36 18.67
C ASN A 159 4.98 7.59 19.56
N LEU A 160 6.00 8.45 19.50
CA LEU A 160 6.07 9.58 20.42
C LEU A 160 4.94 10.56 20.18
N HIS A 161 4.56 10.78 18.91
CA HIS A 161 3.69 11.90 18.57
C HIS A 161 2.33 11.52 17.99
N VAL A 162 2.17 10.34 17.40
CA VAL A 162 0.95 10.04 16.66
C VAL A 162 -0.27 10.12 17.57
N GLY A 163 -0.15 9.61 18.80
CA GLY A 163 -1.29 9.64 19.70
C GLY A 163 -1.75 11.07 20.00
N ASN A 164 -0.80 11.96 20.25
CA ASN A 164 -1.13 13.35 20.53
C ASN A 164 -1.73 14.02 19.30
N LEU A 165 -1.16 13.75 18.13
CA LEU A 165 -1.70 14.32 16.90
C LEU A 165 -3.13 13.85 16.68
N ARG A 166 -3.43 12.61 17.04
CA ARG A 166 -4.79 12.11 16.91
C ARG A 166 -5.71 12.73 17.95
N LEU A 167 -5.18 13.03 19.14
CA LEU A 167 -5.99 13.68 20.17
C LEU A 167 -6.37 15.10 19.74
N LEU A 168 -5.39 15.87 19.24
CA LEU A 168 -5.66 17.24 18.83
C LEU A 168 -6.57 17.32 17.61
N SER A 169 -6.68 16.24 16.85
CA SER A 169 -7.54 16.20 15.67
C SER A 169 -8.97 15.77 15.99
N GLY A 170 -9.25 15.38 17.23
CA GLY A 170 -10.56 14.89 17.61
C GLY A 170 -11.40 15.92 18.33
N PRO A 171 -12.43 15.46 19.04
CA PRO A 171 -13.29 16.41 19.76
C PRO A 171 -12.55 17.11 20.88
N LEU A 172 -13.04 18.30 21.24
CA LEU A 172 -12.37 19.10 22.26
C LEU A 172 -12.52 18.47 23.65
N ASP A 173 -13.70 17.93 23.96
CA ASP A 173 -13.92 17.35 25.27
C ASP A 173 -12.86 16.32 25.62
N GLN A 174 -12.27 15.66 24.61
CA GLN A 174 -11.22 14.69 24.85
C GLN A 174 -9.88 15.37 25.13
N VAL A 175 -9.60 16.47 24.43
CA VAL A 175 -8.41 17.26 24.75
C VAL A 175 -8.48 17.72 26.20
N ARG A 176 -9.61 18.29 26.61
CA ARG A 176 -9.78 18.68 28.01
C ARG A 176 -9.68 17.49 28.94
N ALA A 177 -10.24 16.35 28.53
CA ALA A 177 -10.18 15.15 29.37
C ALA A 177 -8.74 14.71 29.61
N ALA A 178 -7.85 14.94 28.64
CA ALA A 178 -6.45 14.56 28.81
C ALA A 178 -5.76 15.37 29.90
N LEU A 179 -6.25 16.57 30.19
CA LEU A 179 -5.62 17.39 31.21
C LEU A 179 -6.01 16.90 32.60
N PRO A 180 -5.09 16.91 33.56
CA PRO A 180 -5.43 16.44 34.90
C PRO A 180 -6.21 17.51 35.66
N THR A 181 -7.19 17.05 36.43
CA THR A 181 -8.05 17.92 37.22
C THR A 181 -7.90 17.60 38.69
N PRO A 182 -8.24 18.53 39.58
CA PRO A 182 -8.21 18.25 41.01
C PRO A 182 -9.40 17.41 41.45
N ALA A 183 -9.19 16.68 42.55
CA ALA A 183 -10.24 15.91 43.19
C ALA A 183 -10.10 16.10 44.71
N LEU A 184 -10.25 17.34 45.16
CA LEU A 184 -10.03 17.68 46.55
C LEU A 184 -11.26 17.32 47.39
N SER A 185 -11.02 16.65 48.51
CA SER A 185 -12.09 16.36 49.45
C SER A 185 -12.71 17.67 49.94
N PRO A 186 -13.95 17.61 50.44
CA PRO A 186 -14.56 18.86 50.97
C PRO A 186 -13.76 19.48 52.10
N GLU A 187 -13.07 18.66 52.90
CA GLU A 187 -12.18 19.19 53.92
C GLU A 187 -11.13 20.10 53.30
N ASP A 188 -10.43 19.61 52.28
CA ASP A 188 -9.42 20.43 51.60
C ASP A 188 -10.03 21.72 51.07
N LYS A 189 -11.22 21.63 50.46
CA LYS A 189 -11.87 22.83 49.95
C LYS A 189 -12.10 23.84 51.06
N ALA A 190 -12.63 23.39 52.20
CA ALA A 190 -12.82 24.29 53.33
C ALA A 190 -11.50 24.92 53.76
N VAL A 191 -10.43 24.11 53.84
CA VAL A 191 -9.12 24.64 54.20
C VAL A 191 -8.73 25.79 53.28
N LEU A 192 -8.84 25.57 51.97
CA LEU A 192 -8.47 26.62 51.00
C LEU A 192 -9.32 27.86 51.20
N GLN A 193 -10.64 27.69 51.31
CA GLN A 193 -11.51 28.85 51.47
C GLN A 193 -11.13 29.66 52.71
N ASN A 194 -10.85 28.98 53.82
CA ASN A 194 -10.40 29.68 55.02
C ASN A 194 -9.11 30.45 54.75
N LEU A 195 -8.15 29.81 54.07
CA LEU A 195 -6.88 30.45 53.77
C LEU A 195 -7.10 31.75 52.99
N LYS A 196 -7.96 31.71 51.96
CA LYS A 196 -8.18 32.91 51.15
C LYS A 196 -8.99 33.95 51.91
N ARG A 197 -9.83 33.52 52.86
CA ARG A 197 -10.50 34.47 53.73
C ARG A 197 -9.50 35.25 54.56
N ILE A 198 -8.58 34.54 55.23
CA ILE A 198 -7.60 35.22 56.07
C ILE A 198 -6.68 36.09 55.22
N LEU A 199 -6.28 35.59 54.05
CA LEU A 199 -5.45 36.39 53.15
C LEU A 199 -6.19 37.65 52.72
N ALA A 200 -7.51 37.55 52.54
CA ALA A 200 -8.31 38.72 52.25
C ALA A 200 -8.27 39.72 53.40
N LYS A 201 -8.38 39.22 54.64
CA LYS A 201 -8.24 40.10 55.80
C LYS A 201 -6.89 40.81 55.80
N VAL A 202 -5.81 40.09 55.47
CA VAL A 202 -4.48 40.71 55.45
C VAL A 202 -4.44 41.81 54.39
N GLN A 203 -4.94 41.51 53.19
CA GLN A 203 -4.94 42.52 52.13
C GLN A 203 -5.73 43.76 52.56
N GLU A 204 -6.93 43.55 53.11
CA GLU A 204 -7.71 44.68 53.63
C GLU A 204 -6.90 45.49 54.62
N MSE A 205 -6.20 44.80 55.54
CA MSE A 205 -5.42 45.49 56.56
C MSE A 205 -4.33 46.36 55.95
O MSE A 205 -4.07 47.48 56.41
CB MSE A 205 -4.79 44.47 57.51
CG MSE A 205 -4.09 45.07 58.70
SE MSE A 205 -3.38 43.70 59.89
CE MSE A 205 -2.05 42.90 58.70
N ARG A 206 -3.66 45.84 54.91
CA ARG A 206 -2.60 46.59 54.25
C ARG A 206 -3.17 47.82 53.52
N ASP A 207 -4.21 47.60 52.72
CA ASP A 207 -4.86 48.73 52.04
C ASP A 207 -5.28 49.80 53.03
N GLN A 208 -5.90 49.39 54.14
CA GLN A 208 -6.26 50.33 55.20
C GLN A 208 -5.03 51.05 55.74
N ARG A 209 -3.91 50.33 55.88
CA ARG A 209 -2.72 50.95 56.45
C ARG A 209 -2.19 52.06 55.54
N VAL A 210 -2.06 51.77 54.24
CA VAL A 210 -1.57 52.80 53.31
C VAL A 210 -2.57 53.94 53.21
N SER A 211 -3.87 53.62 53.26
CA SER A 211 -4.89 54.65 53.17
C SER A 211 -4.80 55.61 54.36
N LEU A 212 -4.74 55.07 55.59
CA LEU A 212 -4.62 55.93 56.76
C LEU A 212 -3.31 56.72 56.72
N GLU A 213 -2.24 56.12 56.22
CA GLU A 213 -1.00 56.86 56.06
C GLU A 213 -1.21 58.08 55.18
N GLN A 214 -1.82 57.88 54.01
CA GLN A 214 -2.03 59.01 53.11
C GLN A 214 -2.97 60.05 53.69
N GLN A 215 -3.98 59.61 54.46
CA GLN A 215 -4.84 60.57 55.14
C GLN A 215 -4.05 61.41 56.13
N LEU A 216 -3.15 60.78 56.88
CA LEU A 216 -2.32 61.52 57.84
C LEU A 216 -1.45 62.53 57.12
N ARG A 217 -0.77 62.10 56.04
CA ARG A 217 0.06 63.04 55.28
C ARG A 217 -0.76 64.19 54.72
N GLU A 218 -1.95 63.89 54.21
CA GLU A 218 -2.79 64.91 53.61
C GLU A 218 -3.23 65.95 54.64
N LEU A 219 -3.66 65.49 55.81
CA LEU A 219 -4.08 66.42 56.86
C LEU A 219 -2.89 67.20 57.41
N ILE A 220 -1.72 66.59 57.49
CA ILE A 220 -0.54 67.29 57.98
C ILE A 220 -0.15 68.40 57.02
N GLN A 221 -0.20 68.13 55.71
CA GLN A 221 0.32 69.07 54.73
C GLN A 221 -0.56 70.32 54.64
N LYS A 222 -1.87 70.16 54.76
CA LYS A 222 -2.79 71.28 54.64
C LYS A 222 -3.08 71.97 55.97
N ASP A 223 -2.47 71.51 57.07
CA ASP A 223 -2.73 72.10 58.39
C ASP A 223 -1.81 73.30 58.58
N ASP A 224 -2.24 74.44 58.04
CA ASP A 224 -1.56 75.72 58.22
C ASP A 224 -2.35 76.53 59.25
N ILE A 225 -1.68 76.92 60.32
CA ILE A 225 -2.31 77.64 61.42
C ILE A 225 -1.77 79.08 61.46
N THR A 226 -2.53 79.93 62.14
CA THR A 226 -2.13 81.33 62.33
C THR A 226 -2.69 81.85 63.65
N MSE A 237 -0.11 81.24 76.03
CA MSE A 237 1.04 81.60 75.22
C MSE A 237 1.14 80.70 73.98
O MSE A 237 0.41 80.91 73.00
CB MSE A 237 2.32 81.51 76.05
CG MSE A 237 2.42 80.24 76.89
SE MSE A 237 4.23 79.82 77.47
CE MSE A 237 3.86 78.11 78.33
N LYS A 238 2.01 79.69 74.02
CA LYS A 238 2.18 78.76 72.92
C LYS A 238 1.56 77.39 73.21
N LYS A 239 0.64 77.32 74.18
CA LYS A 239 -0.10 76.08 74.40
C LYS A 239 -1.11 75.79 73.31
N LEU A 240 -1.16 76.64 72.27
CA LEU A 240 -2.05 76.39 71.13
C LEU A 240 -1.70 75.10 70.41
N PHE A 241 -0.45 74.63 70.50
CA PHE A 241 -0.06 73.38 69.84
C PHE A 241 -0.81 72.20 70.43
N GLU A 242 -0.89 72.12 71.75
CA GLU A 242 -1.61 71.02 72.40
C GLU A 242 -3.07 70.96 71.98
N GLU A 243 -3.63 72.06 71.49
CA GLU A 243 -5.01 72.09 71.03
C GLU A 243 -5.13 71.78 69.54
N GLN A 244 -4.21 72.29 68.72
CA GLN A 244 -4.30 72.09 67.27
C GLN A 244 -3.77 70.73 66.83
N LEU A 245 -2.92 70.08 67.62
CA LEU A 245 -2.49 68.72 67.29
C LEU A 245 -3.56 67.69 67.63
N LYS A 246 -4.67 68.09 68.26
CA LYS A 246 -5.72 67.14 68.60
C LYS A 246 -6.47 66.64 67.37
N LYS A 247 -6.40 67.36 66.25
CA LYS A 247 -7.09 66.92 65.04
C LYS A 247 -6.51 65.64 64.46
N TYR A 248 -5.38 65.16 65.00
CA TYR A 248 -4.79 63.91 64.56
C TYR A 248 -5.12 62.73 65.47
N ASP A 249 -5.74 62.98 66.63
CA ASP A 249 -5.99 61.91 67.59
C ASP A 249 -6.85 60.81 66.98
N GLN A 250 -7.78 61.16 66.10
CA GLN A 250 -8.69 60.18 65.55
C GLN A 250 -7.96 59.26 64.56
N LEU A 251 -7.20 59.85 63.64
CA LEU A 251 -6.38 59.04 62.74
C LEU A 251 -5.37 58.21 63.51
N LYS A 252 -4.86 58.72 64.63
CA LYS A 252 -3.94 57.92 65.44
C LYS A 252 -4.65 56.73 66.07
N VAL A 253 -5.91 56.91 66.48
CA VAL A 253 -6.68 55.78 66.98
C VAL A 253 -6.85 54.73 65.89
N TYR A 254 -7.29 55.16 64.71
CA TYR A 254 -7.49 54.22 63.61
C TYR A 254 -6.20 53.49 63.26
N LEU A 255 -5.08 54.21 63.23
CA LEU A 255 -3.80 53.59 62.86
C LEU A 255 -3.34 52.61 63.92
N GLU A 256 -3.46 52.97 65.20
CA GLU A 256 -3.10 52.02 66.25
C GLU A 256 -3.96 50.76 66.16
N GLN A 257 -5.26 50.92 65.91
CA GLN A 257 -6.12 49.75 65.74
C GLN A 257 -5.65 48.89 64.58
N ASN A 258 -5.31 49.52 63.45
CA ASN A 258 -4.82 48.78 62.30
C ASN A 258 -3.55 48.00 62.65
N LEU A 259 -2.58 48.65 63.28
CA LEU A 259 -1.30 48.01 63.56
C LEU A 259 -1.40 46.94 64.64
N ALA A 260 -2.35 47.08 65.57
CA ALA A 260 -2.45 46.13 66.68
C ALA A 260 -3.22 44.87 66.30
N ALA A 261 -3.96 44.89 65.18
CA ALA A 261 -4.70 43.73 64.74
C ALA A 261 -3.84 42.73 63.99
N GLN A 262 -2.60 43.08 63.65
CA GLN A 262 -1.79 42.24 62.78
C GLN A 262 -1.40 40.92 63.45
N ASP A 263 -0.90 40.98 64.68
CA ASP A 263 -0.42 39.76 65.36
C ASP A 263 -1.45 38.64 65.31
N ARG A 264 -2.72 38.97 65.52
CA ARG A 264 -3.76 37.94 65.61
C ARG A 264 -4.07 37.35 64.23
N VAL A 265 -4.20 38.22 63.22
CA VAL A 265 -4.47 37.70 61.88
C VAL A 265 -3.28 36.88 61.38
N LEU A 266 -2.07 37.19 61.85
CA LEU A 266 -0.91 36.38 61.50
C LEU A 266 -0.94 35.03 62.21
N CYS A 267 -1.40 35.01 63.47
CA CYS A 267 -1.60 33.73 64.13
C CYS A 267 -2.58 32.86 63.36
N ALA A 268 -3.74 33.43 63.02
CA ALA A 268 -4.74 32.68 62.26
C ALA A 268 -4.18 32.20 60.92
N LEU A 269 -3.47 33.09 60.21
CA LEU A 269 -2.94 32.73 58.89
C LEU A 269 -1.91 31.61 59.00
N THR A 270 -1.06 31.64 60.04
CA THR A 270 -0.07 30.58 60.21
C THR A 270 -0.72 29.25 60.56
N GLU A 271 -1.76 29.27 61.40
CA GLU A 271 -2.51 28.04 61.66
C GLU A 271 -3.09 27.47 60.38
N ALA A 272 -3.84 28.29 59.63
CA ALA A 272 -4.41 27.84 58.37
C ALA A 272 -3.34 27.30 57.44
N ASN A 273 -2.20 27.98 57.36
CA ASN A 273 -1.11 27.52 56.51
C ASN A 273 -0.63 26.14 56.93
N VAL A 274 -0.48 25.91 58.24
CA VAL A 274 -0.21 24.57 58.75
C VAL A 274 -1.21 23.58 58.17
N GLN A 275 -2.51 23.90 58.27
CA GLN A 275 -3.53 23.02 57.70
C GLN A 275 -3.50 22.99 56.17
N TYR A 276 -2.64 23.79 55.52
CA TYR A 276 -2.64 23.95 54.08
C TYR A 276 -1.44 23.31 53.39
N ALA A 277 -0.37 23.01 54.13
CA ALA A 277 0.85 22.48 53.54
C ALA A 277 0.59 21.30 52.61
N ALA A 278 -0.26 20.37 53.03
CA ALA A 278 -0.49 19.16 52.24
C ALA A 278 -1.18 19.47 50.92
N VAL A 279 -2.27 20.24 50.98
CA VAL A 279 -2.96 20.66 49.76
C VAL A 279 -2.01 21.45 48.86
N ARG A 280 -1.08 22.21 49.46
CA ARG A 280 -0.08 22.89 48.65
C ARG A 280 0.75 21.89 47.86
N ARG A 281 1.22 20.83 48.54
CA ARG A 281 1.95 19.77 47.84
C ARG A 281 1.13 19.23 46.67
N VAL A 282 -0.11 18.79 46.97
CA VAL A 282 -0.98 18.19 45.95
C VAL A 282 -1.09 19.12 44.74
N LEU A 283 -1.55 20.36 44.98
CA LEU A 283 -1.80 21.27 43.87
C LEU A 283 -0.53 21.64 43.13
N SER A 284 0.63 21.56 43.80
CA SER A 284 1.89 21.83 43.12
C SER A 284 2.21 20.70 42.13
N ASP A 285 2.17 19.46 42.60
CA ASP A 285 2.38 18.33 41.70
C ASP A 285 1.39 18.38 40.53
N LEU A 286 0.12 18.69 40.81
CA LEU A 286 -0.86 18.82 39.74
C LEU A 286 -0.47 19.93 38.77
N ASP A 287 0.08 21.03 39.26
CA ASP A 287 0.56 22.09 38.37
C ASP A 287 1.60 21.55 37.40
N GLN A 288 2.64 20.89 37.93
CA GLN A 288 3.73 20.43 37.07
C GLN A 288 3.25 19.37 36.07
N LYS A 289 2.32 18.52 36.49
CA LYS A 289 1.78 17.52 35.57
C LYS A 289 0.99 18.19 34.45
N TRP A 290 0.14 19.15 34.81
CA TRP A 290 -0.58 19.95 33.82
C TRP A 290 0.38 20.55 32.79
N ASN A 291 1.44 21.20 33.26
CA ASN A 291 2.37 21.87 32.36
C ASN A 291 3.08 20.85 31.46
N SER A 292 3.45 19.69 32.02
CA SER A 292 4.15 18.70 31.23
C SER A 292 3.25 18.12 30.14
N THR A 293 2.00 17.79 30.47
CA THR A 293 1.04 17.37 29.46
C THR A 293 0.94 18.38 28.34
N LEU A 294 0.63 19.63 28.70
CA LEU A 294 0.50 20.68 27.70
C LEU A 294 1.74 20.75 26.82
N GLN A 295 2.92 20.68 27.43
CA GLN A 295 4.16 20.83 26.67
C GLN A 295 4.34 19.67 25.70
N THR A 296 3.97 18.46 26.11
CA THR A 296 4.10 17.32 25.21
C THR A 296 3.16 17.46 24.01
N LEU A 297 1.90 17.85 24.25
CA LEU A 297 0.97 18.04 23.14
C LEU A 297 1.50 19.08 22.16
N VAL A 298 1.96 20.22 22.68
CA VAL A 298 2.53 21.26 21.82
C VAL A 298 3.71 20.69 21.03
N ALA A 299 4.58 19.93 21.68
CA ALA A 299 5.73 19.36 21.01
C ALA A 299 5.31 18.47 19.83
N SER A 300 4.30 17.62 20.04
CA SER A 300 3.83 16.75 18.97
C SER A 300 3.30 17.58 17.79
N TYR A 301 2.42 18.53 18.08
CA TYR A 301 1.90 19.38 17.01
C TYR A 301 3.03 20.02 16.23
N GLU A 302 4.04 20.54 16.93
CA GLU A 302 5.15 21.21 16.27
C GLU A 302 6.10 20.23 15.57
N ALA A 303 5.99 18.93 15.85
CA ALA A 303 6.85 17.94 15.23
C ALA A 303 6.23 17.31 14.00
N TYR A 304 4.90 17.45 13.81
CA TYR A 304 4.25 16.81 12.66
C TYR A 304 5.03 17.00 11.37
N GLU A 305 5.31 18.24 11.00
CA GLU A 305 5.95 18.52 9.71
C GLU A 305 7.22 17.71 9.53
N ASP A 306 8.12 17.77 10.52
CA ASP A 306 9.35 16.98 10.46
C ASP A 306 9.03 15.50 10.26
N LEU A 307 8.05 14.98 11.00
CA LEU A 307 7.65 13.58 10.82
C LEU A 307 7.32 13.29 9.36
N MSE A 308 6.50 14.14 8.74
CA MSE A 308 6.10 13.92 7.35
C MSE A 308 7.26 13.96 6.39
O MSE A 308 7.35 13.12 5.49
CB MSE A 308 5.06 14.95 6.92
CG MSE A 308 3.63 14.49 7.05
SE MSE A 308 3.14 13.04 5.84
CE MSE A 308 3.10 14.04 4.17
N LYS A 309 8.16 14.93 6.55
CA LYS A 309 9.27 15.04 5.61
C LYS A 309 10.23 13.87 5.76
N LYS A 310 10.49 13.44 7.00
CA LYS A 310 11.37 12.28 7.20
C LYS A 310 10.71 11.00 6.70
N SER A 311 9.39 10.89 6.81
CA SER A 311 8.71 9.72 6.27
C SER A 311 8.79 9.71 4.74
N GLN A 312 8.63 10.88 4.11
CA GLN A 312 8.78 10.95 2.66
C GLN A 312 10.21 10.60 2.25
N GLU A 313 11.20 11.08 3.02
CA GLU A 313 12.59 10.74 2.72
C GLU A 313 12.81 9.23 2.81
N GLY A 314 12.29 8.60 3.87
CA GLY A 314 12.38 7.16 3.96
C GLY A 314 11.75 6.45 2.77
N ARG A 315 10.54 6.89 2.39
CA ARG A 315 9.86 6.28 1.26
C ARG A 315 10.69 6.38 -0.02
N ASP A 316 11.30 7.54 -0.26
CA ASP A 316 12.13 7.69 -1.45
C ASP A 316 13.36 6.78 -1.39
N PHE A 317 14.09 6.84 -0.27
CA PHE A 317 15.30 6.05 -0.10
C PHE A 317 15.03 4.57 -0.34
N TYR A 318 13.96 4.04 0.26
CA TYR A 318 13.68 2.62 0.18
C TYR A 318 12.92 2.21 -1.08
N ALA A 319 12.27 3.16 -1.77
CA ALA A 319 11.73 2.86 -3.09
C ALA A 319 12.86 2.68 -4.10
N ASP A 320 13.85 3.57 -4.05
CA ASP A 320 15.01 3.43 -4.92
C ASP A 320 15.81 2.19 -4.56
N LEU A 321 16.04 1.96 -3.27
CA LEU A 321 16.78 0.77 -2.85
C LEU A 321 16.04 -0.50 -3.28
N GLU A 322 14.72 -0.55 -3.08
CA GLU A 322 13.95 -1.70 -3.54
C GLU A 322 14.11 -1.89 -5.04
N SER A 323 14.12 -0.79 -5.80
CA SER A 323 14.33 -0.90 -7.23
C SER A 323 15.66 -1.59 -7.54
N LYS A 324 16.74 -1.09 -6.92
CA LYS A 324 18.06 -1.64 -7.24
C LYS A 324 18.19 -3.09 -6.79
N VAL A 325 17.59 -3.44 -5.66
CA VAL A 325 17.70 -4.80 -5.15
C VAL A 325 16.85 -5.76 -5.98
N ALA A 326 15.71 -5.31 -6.51
CA ALA A 326 14.91 -6.15 -7.39
C ALA A 326 15.63 -6.38 -8.71
N ALA A 327 16.22 -5.33 -9.28
CA ALA A 327 17.05 -5.52 -10.48
C ALA A 327 18.19 -6.49 -10.21
N LEU A 328 18.86 -6.34 -9.07
CA LEU A 328 19.95 -7.27 -8.73
C LEU A 328 19.42 -8.70 -8.63
N LEU A 329 18.22 -8.88 -8.07
CA LEU A 329 17.63 -10.22 -8.02
C LEU A 329 17.43 -10.78 -9.42
N GLU A 330 16.87 -9.98 -10.33
CA GLU A 330 16.71 -10.44 -11.71
C GLU A 330 18.05 -10.87 -12.29
N ARG A 331 19.08 -10.03 -12.19
CA ARG A 331 20.37 -10.39 -12.75
C ARG A 331 20.95 -11.64 -12.08
N THR A 332 20.66 -11.84 -10.79
CA THR A 332 21.15 -13.02 -10.09
C THR A 332 20.50 -14.29 -10.64
N GLN A 333 19.17 -14.26 -10.77
CA GLN A 333 18.47 -15.40 -11.37
C GLN A 333 19.00 -15.68 -12.77
N SER A 334 19.19 -14.63 -13.57
CA SER A 334 19.68 -14.81 -14.94
C SER A 334 21.07 -15.41 -14.97
N THR A 335 21.97 -14.92 -14.11
CA THR A 335 23.34 -15.40 -14.11
C THR A 335 23.43 -16.84 -13.60
N CYS A 336 22.69 -17.17 -12.54
CA CYS A 336 22.75 -18.52 -12.00
C CYS A 336 22.09 -19.53 -12.94
N GLN A 337 21.03 -19.10 -13.64
CA GLN A 337 20.44 -19.95 -14.67
C GLN A 337 21.41 -20.15 -15.83
N ALA A 338 22.14 -19.10 -16.20
CA ALA A 338 23.10 -19.23 -17.30
C ALA A 338 24.27 -20.12 -16.91
N ARG A 339 24.70 -20.08 -15.65
CA ARG A 339 25.76 -20.98 -15.20
C ARG A 339 25.28 -22.42 -15.17
N GLU A 340 24.10 -22.66 -14.56
CA GLU A 340 23.58 -24.03 -14.51
C GLU A 340 23.28 -24.57 -15.89
N ALA A 341 22.97 -23.69 -16.85
CA ALA A 341 22.78 -24.13 -18.23
C ALA A 341 24.11 -24.41 -18.91
N ALA A 342 25.11 -23.55 -18.69
CA ALA A 342 26.43 -23.76 -19.26
C ALA A 342 27.07 -25.05 -18.81
N ARG A 343 26.55 -25.68 -17.75
CA ARG A 343 27.00 -27.00 -17.34
C ARG A 343 26.36 -28.07 -18.23
N GLN A 344 26.65 -27.95 -19.54
CA GLN A 344 26.24 -28.91 -20.55
C GLN A 344 27.37 -29.85 -20.97
N GLN A 345 28.60 -29.59 -20.52
CA GLN A 345 29.69 -30.52 -20.76
C GLN A 345 29.33 -31.93 -20.31
N LEU A 346 28.38 -32.07 -19.40
CA LEU A 346 27.90 -33.36 -18.92
C LEU A 346 26.98 -34.05 -19.93
N LEU A 347 26.84 -33.50 -21.14
CA LEU A 347 25.98 -34.08 -22.17
C LEU A 347 26.80 -34.45 -23.41
N ALA B 3 8.21 -71.16 -72.81
CA ALA B 3 7.17 -72.18 -72.87
C ALA B 3 6.33 -72.18 -71.60
N ALA B 4 6.98 -72.50 -70.47
CA ALA B 4 6.29 -72.46 -69.19
C ALA B 4 6.06 -71.04 -68.72
N HIS B 5 6.97 -70.12 -69.07
CA HIS B 5 6.79 -68.72 -68.67
C HIS B 5 5.56 -68.11 -69.31
N GLU B 6 5.15 -68.62 -70.47
CA GLU B 6 3.98 -68.07 -71.15
C GLU B 6 2.69 -68.47 -70.43
N ALA B 7 2.58 -69.74 -70.02
CA ALA B 7 1.43 -70.16 -69.23
C ALA B 7 1.42 -69.49 -67.87
N SER B 8 2.57 -69.46 -67.19
CA SER B 8 2.68 -68.73 -65.94
C SER B 8 2.23 -67.28 -66.11
N SER B 9 2.57 -66.68 -67.26
CA SER B 9 2.16 -65.30 -67.53
C SER B 9 0.64 -65.21 -67.69
N LEU B 10 0.04 -66.13 -68.44
CA LEU B 10 -1.41 -66.11 -68.62
C LEU B 10 -2.14 -66.24 -67.29
N TYR B 11 -1.76 -67.24 -66.48
CA TYR B 11 -2.38 -67.41 -65.17
C TYR B 11 -2.18 -66.16 -64.31
N SER B 12 -0.96 -65.59 -64.34
CA SER B 12 -0.72 -64.35 -63.62
C SER B 12 -1.71 -63.27 -64.06
N GLU B 13 -2.02 -63.22 -65.35
CA GLU B 13 -3.00 -62.25 -65.84
C GLU B 13 -4.38 -62.54 -65.25
N GLU B 14 -4.81 -63.80 -65.26
CA GLU B 14 -6.09 -64.15 -64.66
C GLU B 14 -6.19 -63.64 -63.23
N LYS B 15 -5.18 -63.95 -62.41
CA LYS B 15 -5.18 -63.48 -61.03
C LYS B 15 -5.23 -61.96 -60.97
N ALA B 16 -4.43 -61.29 -61.81
CA ALA B 16 -4.38 -59.83 -61.77
C ALA B 16 -5.74 -59.22 -62.11
N LYS B 17 -6.49 -59.84 -63.03
CA LYS B 17 -7.81 -59.34 -63.39
C LYS B 17 -8.80 -59.54 -62.25
N LEU B 18 -8.75 -60.71 -61.60
CA LEU B 18 -9.56 -60.89 -60.39
C LEU B 18 -9.27 -59.80 -59.36
N LEU B 19 -7.98 -59.52 -59.15
CA LEU B 19 -7.60 -58.48 -58.21
C LEU B 19 -8.12 -57.12 -58.66
N ARG B 20 -8.17 -56.87 -59.97
CA ARG B 20 -8.70 -55.60 -60.46
C ARG B 20 -10.18 -55.46 -60.14
N GLU B 21 -10.95 -56.53 -60.36
CA GLU B 21 -12.36 -56.51 -59.98
C GLU B 21 -12.53 -56.13 -58.52
N MSE B 22 -11.88 -56.90 -57.64
CA MSE B 22 -12.01 -56.66 -56.20
C MSE B 22 -11.57 -55.25 -55.83
O MSE B 22 -12.19 -54.60 -54.98
CB MSE B 22 -11.20 -57.69 -55.40
CG MSE B 22 -11.59 -59.14 -55.66
SE MSE B 22 -13.51 -59.47 -55.78
CE MSE B 22 -14.09 -58.70 -54.09
N MSE B 23 -10.52 -54.76 -56.47
CA MSE B 23 -10.00 -53.43 -56.16
C MSE B 23 -10.97 -52.35 -56.58
O MSE B 23 -11.19 -51.39 -55.82
CB MSE B 23 -8.65 -53.21 -56.84
CG MSE B 23 -7.48 -53.94 -56.21
SE MSE B 23 -7.33 -53.66 -54.29
CE MSE B 23 -7.07 -51.72 -54.30
N ALA B 24 -11.56 -52.46 -57.77
CA ALA B 24 -12.58 -51.51 -58.17
C ALA B 24 -13.71 -51.45 -57.15
N LYS B 25 -14.22 -52.62 -56.75
CA LYS B 25 -15.29 -52.63 -55.74
C LYS B 25 -14.85 -51.95 -54.47
N ILE B 26 -13.66 -52.31 -53.96
CA ILE B 26 -13.16 -51.75 -52.71
C ILE B 26 -13.05 -50.24 -52.80
N GLU B 27 -12.62 -49.73 -53.96
CA GLU B 27 -12.38 -48.31 -54.11
C GLU B 27 -13.68 -47.52 -54.18
N ASP B 28 -14.67 -48.03 -54.91
CA ASP B 28 -15.98 -47.36 -54.94
C ASP B 28 -16.58 -47.32 -53.54
N LYS B 29 -16.66 -48.48 -52.88
CA LYS B 29 -17.24 -48.50 -51.54
C LYS B 29 -16.49 -47.59 -50.59
N ASN B 30 -15.16 -47.56 -50.69
CA ASN B 30 -14.39 -46.68 -49.81
C ASN B 30 -14.68 -45.21 -50.10
N GLU B 31 -14.87 -44.87 -51.38
CA GLU B 31 -15.20 -43.48 -51.71
C GLU B 31 -16.52 -43.07 -51.06
N VAL B 32 -17.55 -43.91 -51.18
CA VAL B 32 -18.83 -43.58 -50.55
C VAL B 32 -18.66 -43.47 -49.04
N LEU B 33 -18.00 -44.45 -48.43
CA LEU B 33 -17.80 -44.43 -46.99
C LEU B 33 -17.13 -43.14 -46.54
N ASP B 34 -16.01 -42.78 -47.17
CA ASP B 34 -15.31 -41.56 -46.79
C ASP B 34 -16.17 -40.32 -46.99
N GLN B 35 -17.03 -40.32 -48.03
CA GLN B 35 -17.94 -39.18 -48.19
C GLN B 35 -18.88 -39.06 -46.99
N PHE B 36 -19.45 -40.18 -46.55
CA PHE B 36 -20.32 -40.13 -45.36
C PHE B 36 -19.55 -39.73 -44.11
N MSE B 37 -18.30 -40.18 -43.98
CA MSE B 37 -17.52 -39.91 -42.77
C MSE B 37 -17.07 -38.46 -42.70
O MSE B 37 -17.00 -37.87 -41.62
CB MSE B 37 -16.30 -40.84 -42.69
CG MSE B 37 -16.63 -42.31 -42.59
SE MSE B 37 -17.70 -42.73 -41.02
CE MSE B 37 -16.31 -42.58 -39.66
N ASP B 38 -16.76 -37.88 -43.86
CA ASP B 38 -16.30 -36.50 -43.91
C ASP B 38 -17.47 -35.53 -43.83
N SER B 39 -18.61 -35.84 -44.47
CA SER B 39 -19.78 -34.99 -44.34
C SER B 39 -20.23 -34.90 -42.88
N MSE B 40 -19.99 -35.94 -42.10
CA MSE B 40 -20.28 -35.93 -40.68
C MSE B 40 -19.00 -35.54 -39.93
O MSE B 40 -17.91 -35.75 -40.44
CB MSE B 40 -20.79 -37.29 -40.21
CG MSE B 40 -21.97 -37.83 -41.02
SE MSE B 40 -22.14 -39.79 -40.95
CE MSE B 40 -23.18 -39.96 -39.32
N GLN B 41 -19.15 -34.96 -38.75
CA GLN B 41 -18.00 -34.45 -38.01
C GLN B 41 -17.63 -35.40 -36.87
N LEU B 42 -17.23 -36.62 -37.25
CA LEU B 42 -16.84 -37.65 -36.27
C LEU B 42 -15.32 -37.76 -36.20
N ASP B 43 -14.68 -36.68 -35.75
CA ASP B 43 -13.26 -36.73 -35.45
C ASP B 43 -13.03 -37.65 -34.24
N PRO B 44 -11.86 -38.30 -34.18
CA PRO B 44 -11.53 -39.33 -33.18
C PRO B 44 -12.31 -39.24 -31.87
N VAL B 47 -16.11 -37.59 -30.28
CA VAL B 47 -15.71 -37.82 -28.89
C VAL B 47 -14.37 -38.53 -28.84
N ASP B 48 -13.29 -37.75 -28.72
CA ASP B 48 -11.99 -38.36 -28.46
C ASP B 48 -12.01 -39.12 -27.14
N ASN B 49 -12.64 -38.55 -26.12
CA ASN B 49 -12.80 -39.19 -24.82
C ASN B 49 -13.62 -38.29 -23.89
N LEU B 50 -13.02 -37.14 -23.55
CA LEU B 50 -13.49 -36.15 -22.57
C LEU B 50 -12.40 -36.00 -21.52
N ASP B 51 -12.76 -35.76 -20.26
CA ASP B 51 -11.78 -35.63 -19.19
C ASP B 51 -10.90 -34.39 -19.36
N ALA B 52 -10.31 -34.22 -20.54
CA ALA B 52 -9.43 -33.10 -20.84
C ALA B 52 -9.97 -31.77 -20.33
N TYR B 53 -11.30 -31.63 -20.27
CA TYR B 53 -11.91 -30.41 -19.74
C TYR B 53 -11.65 -30.22 -18.25
N SER B 54 -10.96 -31.17 -17.60
CA SER B 54 -10.55 -31.02 -16.21
C SER B 54 -9.05 -30.82 -16.05
N HIS B 55 -8.24 -31.46 -16.89
CA HIS B 55 -6.79 -31.29 -16.81
C HIS B 55 -6.41 -29.86 -17.15
N ILE B 56 -5.68 -29.21 -16.26
CA ILE B 56 -5.21 -27.84 -16.51
C ILE B 56 -4.17 -27.87 -17.63
N PRO B 57 -4.32 -27.08 -18.69
CA PRO B 57 -3.32 -27.09 -19.77
C PRO B 57 -1.93 -26.82 -19.24
N PRO B 58 -0.91 -27.53 -19.75
CA PRO B 58 0.45 -27.33 -19.21
C PRO B 58 0.92 -25.89 -19.21
N GLN B 59 0.60 -25.12 -20.26
CA GLN B 59 1.06 -23.73 -20.32
C GLN B 59 0.46 -22.90 -19.18
N LEU B 60 -0.82 -23.12 -18.87
CA LEU B 60 -1.42 -22.37 -17.77
C LEU B 60 -0.77 -22.72 -16.44
N MSE B 61 -0.44 -23.99 -16.22
CA MSE B 61 0.22 -24.38 -14.99
C MSE B 61 1.60 -23.75 -14.92
O MSE B 61 2.04 -23.29 -13.85
CB MSE B 61 0.33 -25.90 -14.89
CG MSE B 61 -0.89 -26.53 -14.23
SE MSE B 61 -0.73 -28.44 -13.98
CE MSE B 61 -0.41 -28.97 -15.83
N GLU B 62 2.30 -23.72 -16.05
CA GLU B 62 3.57 -23.01 -16.13
C GLU B 62 3.42 -21.57 -15.65
N LYS B 63 2.36 -20.89 -16.11
CA LYS B 63 2.14 -19.51 -15.70
C LYS B 63 1.86 -19.41 -14.20
N CYS B 64 0.99 -20.29 -13.69
CA CYS B 64 0.72 -20.33 -12.25
C CYS B 64 2.02 -20.43 -11.45
N ALA B 65 2.89 -21.38 -11.83
CA ALA B 65 4.16 -21.52 -11.14
C ALA B 65 5.00 -20.26 -11.25
N ALA B 66 5.03 -19.65 -12.45
CA ALA B 66 5.88 -18.47 -12.64
C ALA B 66 5.42 -17.29 -11.78
N LEU B 67 4.11 -17.18 -11.53
CA LEU B 67 3.60 -16.11 -10.68
C LEU B 67 3.97 -16.28 -9.21
N SER B 68 4.68 -17.35 -8.84
CA SER B 68 5.05 -17.60 -7.45
C SER B 68 6.47 -17.18 -7.12
N VAL B 69 7.27 -16.79 -8.12
CA VAL B 69 8.69 -16.47 -7.92
C VAL B 69 8.85 -14.96 -7.81
N ARG B 70 9.27 -14.50 -6.65
CA ARG B 70 9.65 -13.10 -6.45
C ARG B 70 10.75 -12.76 -7.48
N PRO B 71 10.74 -11.54 -8.02
CA PRO B 71 9.87 -10.38 -7.74
C PRO B 71 8.73 -10.21 -8.75
N ASP B 72 8.26 -11.31 -9.34
CA ASP B 72 7.19 -11.27 -10.33
C ASP B 72 5.89 -11.88 -9.77
N THR B 73 5.62 -11.69 -8.48
CA THR B 73 4.37 -12.11 -7.88
C THR B 73 3.36 -10.98 -7.92
N VAL B 74 2.10 -11.31 -7.64
CA VAL B 74 1.07 -10.28 -7.54
C VAL B 74 1.44 -9.27 -6.46
N ARG B 75 1.81 -9.75 -5.27
CA ARG B 75 2.18 -8.88 -4.16
C ARG B 75 3.19 -7.83 -4.60
N ASN B 76 4.24 -8.25 -5.32
CA ASN B 76 5.26 -7.29 -5.74
C ASN B 76 4.68 -6.25 -6.68
N LEU B 77 3.72 -6.64 -7.51
CA LEU B 77 3.08 -5.70 -8.42
C LEU B 77 2.23 -4.69 -7.66
N VAL B 78 1.34 -5.18 -6.78
CA VAL B 78 0.49 -4.30 -6.01
C VAL B 78 1.33 -3.32 -5.19
N GLN B 79 2.44 -3.81 -4.63
CA GLN B 79 3.31 -2.96 -3.83
C GLN B 79 4.05 -1.95 -4.70
N SER B 80 4.40 -2.33 -5.92
CA SER B 80 5.01 -1.39 -6.85
C SER B 80 4.04 -0.27 -7.20
N MSE B 81 2.80 -0.62 -7.49
CA MSE B 81 1.74 0.36 -7.74
C MSE B 81 1.56 1.25 -6.53
O MSE B 81 1.25 2.44 -6.65
CB MSE B 81 0.42 -0.34 -8.08
CG MSE B 81 0.46 -1.21 -9.30
SE MSE B 81 0.65 -0.18 -10.94
CE MSE B 81 -1.11 0.64 -10.96
N GLN B 82 1.74 0.66 -5.35
CA GLN B 82 1.61 1.41 -4.10
C GLN B 82 2.67 2.51 -4.01
N VAL B 83 3.94 2.14 -4.21
CA VAL B 83 5.01 3.14 -4.26
C VAL B 83 4.69 4.20 -5.30
N LEU B 84 4.29 3.77 -6.50
CA LEU B 84 4.00 4.71 -7.59
C LEU B 84 2.96 5.74 -7.17
N SER B 85 1.83 5.27 -6.64
CA SER B 85 0.78 6.20 -6.20
C SER B 85 1.28 7.11 -5.10
N GLY B 86 2.13 6.60 -4.21
CA GLY B 86 2.73 7.45 -3.19
C GLY B 86 3.48 8.62 -3.79
N VAL B 87 4.41 8.35 -4.71
CA VAL B 87 5.19 9.43 -5.28
C VAL B 87 4.31 10.36 -6.12
N PHE B 88 3.29 9.82 -6.78
CA PHE B 88 2.31 10.65 -7.49
C PHE B 88 1.65 11.66 -6.55
N THR B 89 1.12 11.17 -5.43
CA THR B 89 0.59 12.06 -4.40
C THR B 89 1.63 13.10 -3.99
N ASP B 90 2.88 12.67 -3.75
CA ASP B 90 3.93 13.62 -3.38
C ASP B 90 4.02 14.76 -4.40
N VAL B 91 4.03 14.40 -5.68
CA VAL B 91 4.21 15.42 -6.73
C VAL B 91 3.04 16.39 -6.72
N GLU B 92 1.81 15.87 -6.71
CA GLU B 92 0.66 16.77 -6.68
C GLU B 92 0.73 17.70 -5.46
N ALA B 93 0.98 17.13 -4.28
CA ALA B 93 1.04 17.92 -3.06
C ALA B 93 2.07 19.04 -3.18
N SER B 94 3.30 18.70 -3.58
CA SER B 94 4.38 19.69 -3.66
C SER B 94 4.04 20.79 -4.66
N LEU B 95 3.53 20.41 -5.84
CA LEU B 95 3.10 21.41 -6.81
C LEU B 95 2.07 22.36 -6.21
N LYS B 96 1.09 21.82 -5.48
CA LYS B 96 0.07 22.66 -4.87
C LYS B 96 0.66 23.56 -3.80
N ASP B 97 1.71 23.10 -3.10
CA ASP B 97 2.38 23.95 -2.13
C ASP B 97 3.07 25.13 -2.82
N ILE B 98 3.82 24.85 -3.89
CA ILE B 98 4.46 25.93 -4.65
C ILE B 98 3.43 26.96 -5.09
N ARG B 99 2.37 26.48 -5.75
CA ARG B 99 1.33 27.41 -6.22
C ARG B 99 0.70 28.16 -5.04
N ASP B 100 0.59 27.51 -3.89
CA ASP B 100 0.01 28.14 -2.71
C ASP B 100 0.94 29.17 -2.08
N LEU B 101 2.24 29.15 -2.43
CA LEU B 101 3.12 30.24 -2.00
C LEU B 101 3.12 31.39 -3.01
N LEU B 102 3.22 31.06 -4.31
CA LEU B 102 3.10 32.09 -5.34
C LEU B 102 1.81 32.89 -5.13
N GLU B 103 0.66 32.23 -5.19
CA GLU B 103 -0.55 32.81 -4.64
C GLU B 103 -0.34 33.02 -3.14
N GLU B 104 -0.56 34.26 -2.70
CA GLU B 104 -0.24 34.76 -1.37
C GLU B 104 0.92 35.74 -1.48
N ASP B 105 2.05 35.31 -2.05
CA ASP B 105 3.11 36.26 -2.32
C ASP B 105 2.64 37.36 -3.27
N GLU B 106 1.82 36.99 -4.26
CA GLU B 106 1.29 38.00 -5.19
C GLU B 106 0.43 39.02 -4.47
N LEU B 107 -0.44 38.55 -3.57
CA LEU B 107 -1.35 39.47 -2.88
C LEU B 107 -0.59 40.34 -1.89
N LEU B 108 0.24 39.72 -1.04
CA LEU B 108 1.08 40.50 -0.13
C LEU B 108 1.93 41.50 -0.89
N GLU B 109 2.32 41.17 -2.13
CA GLU B 109 3.17 42.06 -2.90
C GLU B 109 2.37 43.22 -3.50
N GLN B 110 1.13 42.98 -3.91
CA GLN B 110 0.28 44.08 -4.36
C GLN B 110 -0.03 45.03 -3.21
N LYS B 111 -0.42 44.48 -2.06
CA LYS B 111 -0.54 45.28 -0.84
C LYS B 111 0.73 46.09 -0.60
N PHE B 112 1.88 45.43 -0.64
CA PHE B 112 3.14 46.12 -0.36
C PHE B 112 3.38 47.24 -1.36
N GLN B 113 3.03 47.04 -2.63
CA GLN B 113 3.23 48.09 -3.62
C GLN B 113 2.25 49.23 -3.43
N GLU B 114 1.09 48.96 -2.82
CA GLU B 114 0.18 50.05 -2.45
C GLU B 114 0.75 50.85 -1.30
N ALA B 115 1.34 50.19 -0.30
CA ALA B 115 1.97 50.92 0.80
C ALA B 115 3.22 51.67 0.34
N VAL B 116 3.93 51.15 -0.67
CA VAL B 116 5.13 51.79 -1.18
C VAL B 116 4.75 53.02 -2.01
N GLY B 117 3.74 52.87 -2.88
CA GLY B 117 3.25 54.02 -3.61
C GLY B 117 2.70 55.10 -2.70
N GLN B 118 1.94 54.69 -1.67
CA GLN B 118 1.42 55.65 -0.70
C GLN B 118 2.55 56.44 -0.05
N ALA B 119 3.61 55.75 0.38
CA ALA B 119 4.73 56.39 1.07
C ALA B 119 5.68 57.12 0.11
N GLY B 120 5.43 57.05 -1.20
CA GLY B 120 6.30 57.72 -2.14
C GLY B 120 7.70 57.14 -2.24
N ALA B 121 7.88 55.87 -1.86
CA ALA B 121 9.17 55.23 -1.92
C ALA B 121 9.39 54.60 -3.30
N ILE B 122 10.59 54.07 -3.51
CA ILE B 122 10.95 53.37 -4.74
C ILE B 122 10.95 51.87 -4.45
N SER B 123 10.28 51.11 -5.32
CA SER B 123 10.10 49.69 -5.06
C SER B 123 11.43 48.95 -5.03
N ILE B 124 11.53 47.98 -4.12
CA ILE B 124 12.74 47.20 -3.93
C ILE B 124 12.58 45.77 -4.45
N THR B 125 11.40 45.18 -4.26
CA THR B 125 11.19 43.78 -4.62
C THR B 125 11.40 43.58 -6.11
N SER B 126 12.17 42.55 -6.45
CA SER B 126 12.50 42.23 -7.84
C SER B 126 11.52 41.17 -8.35
N LYS B 127 10.70 41.55 -9.34
CA LYS B 127 9.80 40.60 -10.01
C LYS B 127 10.50 39.77 -11.09
N ALA B 128 11.80 39.49 -10.93
CA ALA B 128 12.57 38.67 -11.86
C ALA B 128 12.72 37.25 -11.36
N GLU B 129 13.34 37.06 -10.20
CA GLU B 129 13.23 35.80 -9.51
C GLU B 129 11.78 35.60 -9.06
N LEU B 130 11.43 34.34 -8.80
CA LEU B 130 10.05 33.95 -8.53
C LEU B 130 9.29 33.78 -9.83
N ALA B 131 9.48 34.70 -10.79
CA ALA B 131 8.92 34.50 -12.12
C ALA B 131 9.54 33.28 -12.79
N GLU B 132 10.86 33.10 -12.64
CA GLU B 132 11.48 31.85 -13.08
C GLU B 132 10.87 30.66 -12.35
N VAL B 133 10.58 30.83 -11.05
CA VAL B 133 9.89 29.79 -10.29
C VAL B 133 8.53 29.49 -10.91
N ARG B 134 7.82 30.53 -11.35
CA ARG B 134 6.54 30.32 -12.03
C ARG B 134 6.73 29.51 -13.31
N ARG B 135 7.78 29.81 -14.08
CA ARG B 135 8.02 29.07 -15.32
C ARG B 135 8.29 27.60 -15.04
N GLU B 136 9.23 27.31 -14.13
CA GLU B 136 9.52 25.91 -13.80
C GLU B 136 8.27 25.20 -13.28
N TRP B 137 7.52 25.85 -12.41
CA TRP B 137 6.30 25.25 -11.88
C TRP B 137 5.35 24.89 -13.01
N ALA B 138 5.13 25.82 -13.94
CA ALA B 138 4.25 25.55 -15.07
C ALA B 138 4.78 24.39 -15.92
N LYS B 139 6.10 24.32 -16.11
CA LYS B 139 6.70 23.22 -16.86
C LYS B 139 6.37 21.88 -16.22
N TYR B 140 6.63 21.76 -14.90
CA TYR B 140 6.42 20.49 -14.22
C TYR B 140 4.94 20.13 -14.12
N MSE B 141 4.07 21.13 -14.01
CA MSE B 141 2.63 20.91 -14.11
C MSE B 141 2.30 20.28 -15.45
O MSE B 141 1.53 19.30 -15.53
CB MSE B 141 1.88 22.24 -13.96
CG MSE B 141 1.74 22.71 -12.53
SE MSE B 141 0.44 21.66 -11.53
CE MSE B 141 -1.17 22.21 -12.50
N GLU B 142 2.87 20.85 -16.51
CA GLU B 142 2.67 20.31 -17.84
C GLU B 142 3.10 18.85 -17.92
N VAL B 143 4.27 18.53 -17.35
CA VAL B 143 4.75 17.15 -17.34
C VAL B 143 3.73 16.26 -16.64
N HIS B 144 3.38 16.60 -15.39
CA HIS B 144 2.45 15.80 -14.61
C HIS B 144 1.16 15.51 -15.38
N GLU B 145 0.48 16.58 -15.81
CA GLU B 145 -0.76 16.42 -16.55
C GLU B 145 -0.55 15.59 -17.81
N LYS B 146 0.64 15.67 -18.42
CA LYS B 146 0.93 14.87 -19.60
C LYS B 146 1.13 13.39 -19.28
N ALA B 147 1.45 13.05 -18.03
CA ALA B 147 1.53 11.66 -17.60
C ALA B 147 0.21 11.13 -17.03
N SER B 148 -0.76 12.03 -16.80
CA SER B 148 -2.05 11.64 -16.22
C SER B 148 -2.65 10.43 -16.92
N PHE B 149 -2.62 10.40 -18.26
CA PHE B 149 -3.36 9.39 -19.00
C PHE B 149 -2.71 8.01 -18.89
N THR B 150 -1.39 7.95 -18.97
CA THR B 150 -0.73 6.66 -18.76
C THR B 150 -0.94 6.19 -17.32
N ASN B 151 -0.96 7.10 -16.36
CA ASN B 151 -1.19 6.70 -14.97
C ASN B 151 -2.58 6.08 -14.81
N SER B 152 -3.61 6.77 -15.32
CA SER B 152 -4.97 6.24 -15.27
C SER B 152 -5.05 4.88 -15.95
N GLU B 153 -4.58 4.78 -17.20
CA GLU B 153 -4.64 3.51 -17.90
C GLU B 153 -3.95 2.41 -17.13
N LEU B 154 -2.84 2.74 -16.44
CA LEU B 154 -2.14 1.75 -15.63
C LEU B 154 -3.04 1.22 -14.52
N HIS B 155 -3.62 2.13 -13.73
CA HIS B 155 -4.46 1.69 -12.62
C HIS B 155 -5.69 0.91 -13.11
N ARG B 156 -6.25 1.31 -14.26
CA ARG B 156 -7.40 0.62 -14.82
C ARG B 156 -7.03 -0.80 -15.25
N ALA B 157 -5.93 -0.94 -15.98
CA ALA B 157 -5.46 -2.28 -16.37
C ALA B 157 -5.24 -3.14 -15.14
N MSE B 158 -4.58 -2.60 -14.13
CA MSE B 158 -4.37 -3.30 -12.88
C MSE B 158 -5.70 -3.84 -12.38
O MSE B 158 -5.83 -5.05 -12.16
CB MSE B 158 -3.76 -2.37 -11.82
CG MSE B 158 -3.40 -3.08 -10.52
SE MSE B 158 -2.18 -4.58 -10.79
CE MSE B 158 -0.85 -3.61 -11.84
N ASN B 159 -6.68 -2.96 -12.19
CA ASN B 159 -7.96 -3.42 -11.68
C ASN B 159 -8.58 -4.48 -12.59
N LEU B 160 -8.23 -4.45 -13.88
CA LEU B 160 -8.83 -5.41 -14.81
C LEU B 160 -8.24 -6.81 -14.64
N HIS B 161 -6.93 -6.90 -14.37
CA HIS B 161 -6.28 -8.20 -14.39
C HIS B 161 -5.97 -8.77 -13.01
N VAL B 162 -5.98 -7.94 -11.96
CA VAL B 162 -5.49 -8.39 -10.66
C VAL B 162 -6.32 -9.56 -10.12
N GLY B 163 -7.59 -9.64 -10.49
CA GLY B 163 -8.41 -10.75 -10.04
C GLY B 163 -7.92 -12.09 -10.58
N ASN B 164 -7.78 -12.18 -11.90
CA ASN B 164 -7.30 -13.42 -12.51
C ASN B 164 -5.87 -13.71 -12.10
N LEU B 165 -5.07 -12.67 -11.87
CA LEU B 165 -3.71 -12.88 -11.40
C LEU B 165 -3.70 -13.46 -9.99
N ARG B 166 -4.65 -13.07 -9.16
CA ARG B 166 -4.75 -13.70 -7.83
C ARG B 166 -5.25 -15.12 -7.95
N LEU B 167 -6.18 -15.37 -8.89
CA LEU B 167 -6.64 -16.74 -9.11
C LEU B 167 -5.47 -17.64 -9.49
N LEU B 168 -4.73 -17.27 -10.52
CA LEU B 168 -3.61 -18.08 -11.00
C LEU B 168 -2.48 -18.21 -9.98
N SER B 169 -2.48 -17.40 -8.92
CA SER B 169 -1.47 -17.46 -7.87
C SER B 169 -1.91 -18.30 -6.68
N GLY B 170 -3.13 -18.83 -6.68
CA GLY B 170 -3.66 -19.56 -5.56
C GLY B 170 -3.58 -21.06 -5.77
N PRO B 171 -4.32 -21.83 -4.97
CA PRO B 171 -4.29 -23.28 -5.13
C PRO B 171 -4.78 -23.68 -6.51
N LEU B 172 -4.18 -24.75 -7.06
CA LEU B 172 -4.53 -25.18 -8.40
C LEU B 172 -5.98 -25.66 -8.49
N ASP B 173 -6.52 -26.21 -7.39
CA ASP B 173 -7.89 -26.72 -7.44
C ASP B 173 -8.90 -25.64 -7.79
N GLN B 174 -8.63 -24.38 -7.40
CA GLN B 174 -9.54 -23.29 -7.74
C GLN B 174 -9.33 -22.81 -9.17
N VAL B 175 -8.08 -22.84 -9.65
CA VAL B 175 -7.83 -22.62 -11.07
C VAL B 175 -8.62 -23.61 -11.91
N ARG B 176 -8.57 -24.88 -11.54
CA ARG B 176 -9.36 -25.89 -12.23
C ARG B 176 -10.85 -25.61 -12.10
N ALA B 177 -11.30 -25.27 -10.89
CA ALA B 177 -12.72 -25.00 -10.67
C ALA B 177 -13.22 -23.84 -11.52
N ALA B 178 -12.32 -22.95 -11.95
CA ALA B 178 -12.71 -21.88 -12.85
C ALA B 178 -12.91 -22.35 -14.29
N LEU B 179 -12.64 -23.64 -14.59
CA LEU B 179 -12.80 -24.14 -15.94
C LEU B 179 -14.11 -24.92 -16.08
N PRO B 180 -14.87 -24.72 -17.15
CA PRO B 180 -16.13 -25.47 -17.30
C PRO B 180 -15.88 -26.95 -17.55
N THR B 181 -16.84 -27.76 -17.15
CA THR B 181 -16.78 -29.21 -17.29
C THR B 181 -18.07 -29.72 -17.88
N PRO B 182 -18.06 -30.90 -18.49
CA PRO B 182 -19.30 -31.45 -19.05
C PRO B 182 -20.29 -31.81 -17.96
N ALA B 183 -21.58 -31.61 -18.28
CA ALA B 183 -22.69 -31.94 -17.39
C ALA B 183 -23.70 -32.79 -18.15
N LEU B 184 -23.26 -33.97 -18.58
CA LEU B 184 -24.07 -34.84 -19.43
C LEU B 184 -24.89 -35.80 -18.58
N SER B 185 -26.20 -35.84 -18.83
CA SER B 185 -27.09 -36.75 -18.13
C SER B 185 -26.76 -38.18 -18.53
N PRO B 186 -27.32 -39.17 -17.83
CA PRO B 186 -27.07 -40.56 -18.24
C PRO B 186 -27.50 -40.85 -19.65
N GLU B 187 -28.61 -40.26 -20.10
CA GLU B 187 -29.08 -40.47 -21.48
C GLU B 187 -28.05 -39.95 -22.47
N ASP B 188 -27.47 -38.79 -22.19
CA ASP B 188 -26.42 -38.25 -23.07
C ASP B 188 -25.23 -39.18 -23.13
N LYS B 189 -24.74 -39.63 -21.97
CA LYS B 189 -23.62 -40.56 -21.95
C LYS B 189 -23.95 -41.83 -22.74
N ALA B 190 -25.20 -42.29 -22.66
CA ALA B 190 -25.60 -43.48 -23.42
C ALA B 190 -25.56 -43.22 -24.91
N VAL B 191 -26.12 -42.10 -25.36
CA VAL B 191 -26.03 -41.71 -26.76
C VAL B 191 -24.58 -41.69 -27.23
N LEU B 192 -23.68 -41.19 -26.37
CA LEU B 192 -22.27 -41.10 -26.75
C LEU B 192 -21.65 -42.48 -26.87
N GLN B 193 -21.86 -43.34 -25.88
CA GLN B 193 -21.36 -44.71 -25.94
C GLN B 193 -21.85 -45.40 -27.20
N ASN B 194 -23.13 -45.24 -27.53
CA ASN B 194 -23.66 -45.84 -28.74
C ASN B 194 -22.93 -45.30 -29.97
N LEU B 195 -22.75 -43.98 -30.04
CA LEU B 195 -22.08 -43.39 -31.20
C LEU B 195 -20.69 -43.97 -31.39
N LYS B 196 -19.85 -43.93 -30.35
CA LYS B 196 -18.49 -44.42 -30.51
C LYS B 196 -18.44 -45.93 -30.67
N ARG B 197 -19.49 -46.64 -30.24
CA ARG B 197 -19.59 -48.07 -30.50
C ARG B 197 -19.79 -48.35 -31.99
N ILE B 198 -20.77 -47.67 -32.60
CA ILE B 198 -20.97 -47.83 -34.04
C ILE B 198 -19.71 -47.41 -34.79
N LEU B 199 -19.07 -46.32 -34.35
CA LEU B 199 -17.81 -45.93 -34.97
C LEU B 199 -16.76 -47.02 -34.85
N ALA B 200 -16.78 -47.75 -33.73
CA ALA B 200 -15.89 -48.89 -33.58
C ALA B 200 -16.21 -49.98 -34.62
N LYS B 201 -17.50 -50.25 -34.84
CA LYS B 201 -17.85 -51.22 -35.89
C LYS B 201 -17.35 -50.75 -37.25
N VAL B 202 -17.48 -49.46 -37.56
CA VAL B 202 -16.99 -48.95 -38.85
C VAL B 202 -15.50 -49.19 -38.97
N GLN B 203 -14.73 -48.80 -37.95
CA GLN B 203 -13.28 -48.94 -38.03
C GLN B 203 -12.88 -50.40 -38.13
N GLU B 204 -13.60 -51.28 -37.44
CA GLU B 204 -13.34 -52.71 -37.55
C GLU B 204 -13.58 -53.19 -38.98
N MSE B 205 -14.63 -52.69 -39.62
CA MSE B 205 -14.93 -53.02 -41.02
C MSE B 205 -13.79 -52.57 -41.94
O MSE B 205 -13.38 -53.30 -42.84
CB MSE B 205 -16.24 -52.37 -41.43
CG MSE B 205 -16.65 -52.62 -42.88
SE MSE B 205 -18.35 -51.76 -43.30
CE MSE B 205 -17.82 -49.90 -43.06
N ARG B 206 -13.30 -51.34 -41.72
CA ARG B 206 -12.16 -50.85 -42.49
C ARG B 206 -10.95 -51.76 -42.32
N ASP B 207 -10.64 -52.13 -41.07
CA ASP B 207 -9.48 -52.97 -40.82
C ASP B 207 -9.63 -54.33 -41.51
N GLN B 208 -10.81 -54.95 -41.37
CA GLN B 208 -11.04 -56.24 -42.01
C GLN B 208 -10.93 -56.13 -43.53
N ARG B 209 -11.39 -55.01 -44.09
CA ARG B 209 -11.28 -54.81 -45.54
C ARG B 209 -9.81 -54.75 -45.96
N VAL B 210 -8.99 -54.03 -45.19
CA VAL B 210 -7.56 -53.97 -45.47
C VAL B 210 -6.93 -55.35 -45.41
N SER B 211 -7.17 -56.08 -44.31
CA SER B 211 -6.52 -57.38 -44.15
C SER B 211 -7.01 -58.38 -45.19
N LEU B 212 -8.27 -58.31 -45.61
CA LEU B 212 -8.76 -59.22 -46.63
C LEU B 212 -8.11 -58.92 -47.98
N GLU B 213 -8.00 -57.64 -48.33
CA GLU B 213 -7.25 -57.29 -49.52
C GLU B 213 -5.83 -57.83 -49.44
N GLN B 214 -5.18 -57.66 -48.28
CA GLN B 214 -3.81 -58.13 -48.15
C GLN B 214 -3.71 -59.63 -48.30
N GLN B 215 -4.63 -60.37 -47.69
CA GLN B 215 -4.65 -61.82 -47.85
C GLN B 215 -4.78 -62.20 -49.32
N LEU B 216 -5.65 -61.50 -50.05
CA LEU B 216 -5.79 -61.78 -51.48
C LEU B 216 -4.48 -61.56 -52.21
N ARG B 217 -3.80 -60.44 -51.94
CA ARG B 217 -2.53 -60.15 -52.59
C ARG B 217 -1.48 -61.21 -52.26
N GLU B 218 -1.37 -61.58 -50.99
CA GLU B 218 -0.36 -62.55 -50.58
C GLU B 218 -0.63 -63.91 -51.22
N LEU B 219 -1.89 -64.34 -51.26
CA LEU B 219 -2.21 -65.62 -51.88
C LEU B 219 -1.92 -65.59 -53.38
N ILE B 220 -2.19 -64.45 -54.02
CA ILE B 220 -1.80 -64.30 -55.42
C ILE B 220 -0.29 -64.41 -55.56
N GLN B 221 0.45 -63.86 -54.60
CA GLN B 221 1.91 -63.80 -54.71
C GLN B 221 2.52 -65.20 -54.72
N LYS B 222 1.96 -66.12 -53.93
CA LYS B 222 2.51 -67.46 -53.78
C LYS B 222 1.75 -68.51 -54.59
N ASP B 223 0.78 -68.11 -55.40
CA ASP B 223 -0.04 -69.06 -56.15
C ASP B 223 0.62 -69.33 -57.51
N ASP B 224 1.73 -70.05 -57.45
CA ASP B 224 2.46 -70.47 -58.66
C ASP B 224 2.03 -71.87 -59.04
N ILE B 225 1.63 -72.05 -60.30
CA ILE B 225 1.11 -73.31 -60.79
C ILE B 225 2.06 -73.99 -61.78
N THR B 226 3.30 -73.50 -61.89
CA THR B 226 4.25 -74.11 -62.82
C THR B 226 4.41 -75.60 -62.55
N ALA B 227 4.21 -76.02 -61.29
CA ALA B 227 4.35 -77.43 -60.94
C ALA B 227 3.20 -78.28 -61.48
N SER B 228 2.04 -77.68 -61.71
CA SER B 228 0.86 -78.41 -62.17
C SER B 228 0.60 -78.22 -63.67
N LEU B 229 1.53 -77.62 -64.40
CA LEU B 229 1.42 -77.47 -65.85
C LEU B 229 1.57 -78.84 -66.49
N VAL B 230 0.46 -79.47 -66.83
CA VAL B 230 0.46 -80.83 -67.38
C VAL B 230 0.71 -80.81 -68.89
N THR B 231 0.02 -79.94 -69.63
CA THR B 231 0.17 -79.86 -71.08
C THR B 231 0.14 -78.39 -71.49
N THR B 232 0.03 -78.14 -72.79
CA THR B 232 -0.08 -76.79 -73.33
C THR B 232 -1.24 -76.60 -74.28
N ASP B 233 -2.00 -77.66 -74.59
CA ASP B 233 -3.24 -77.52 -75.35
C ASP B 233 -4.10 -76.45 -74.68
N HIS B 234 -4.16 -75.25 -75.28
CA HIS B 234 -4.75 -74.11 -74.59
C HIS B 234 -6.27 -74.15 -74.57
N SER B 235 -6.84 -75.35 -74.54
CA SER B 235 -8.18 -75.57 -74.03
C SER B 235 -8.17 -76.32 -72.70
N GLU B 236 -7.22 -77.24 -72.52
CA GLU B 236 -6.98 -77.85 -71.23
C GLU B 236 -6.43 -76.83 -70.22
N MSE B 237 -5.66 -75.87 -70.71
CA MSE B 237 -5.14 -74.79 -69.88
C MSE B 237 -6.29 -73.98 -69.31
O MSE B 237 -6.21 -73.49 -68.18
CB MSE B 237 -4.22 -73.88 -70.68
CG MSE B 237 -2.97 -74.57 -71.18
SE MSE B 237 -1.37 -73.58 -70.70
CE MSE B 237 -1.00 -74.42 -68.99
N LYS B 238 -7.36 -73.81 -70.09
CA LYS B 238 -8.53 -73.10 -69.60
C LYS B 238 -9.14 -73.81 -68.41
N LYS B 239 -9.22 -75.14 -68.46
CA LYS B 239 -9.74 -75.89 -67.32
C LYS B 239 -8.80 -75.82 -66.12
N LEU B 240 -7.49 -75.90 -66.37
CA LEU B 240 -6.52 -75.84 -65.28
C LEU B 240 -6.58 -74.49 -64.57
N PHE B 241 -6.50 -73.39 -65.33
CA PHE B 241 -6.66 -72.07 -64.75
C PHE B 241 -8.00 -71.94 -64.02
N GLU B 242 -9.08 -72.34 -64.69
CA GLU B 242 -10.41 -72.25 -64.11
C GLU B 242 -10.48 -72.92 -62.74
N GLU B 243 -9.82 -74.07 -62.60
CA GLU B 243 -9.90 -74.78 -61.32
C GLU B 243 -8.92 -74.22 -60.30
N GLN B 244 -7.76 -73.75 -60.74
CA GLN B 244 -6.80 -73.16 -59.80
C GLN B 244 -7.34 -71.87 -59.21
N LEU B 245 -8.09 -71.09 -59.99
CA LEU B 245 -8.64 -69.84 -59.48
C LEU B 245 -9.72 -70.06 -58.42
N LYS B 246 -10.20 -71.29 -58.25
CA LYS B 246 -11.21 -71.54 -57.23
C LYS B 246 -10.70 -71.29 -55.81
N LYS B 247 -9.39 -71.25 -55.60
CA LYS B 247 -8.87 -71.05 -54.25
C LYS B 247 -9.06 -69.62 -53.75
N TYR B 248 -9.65 -68.73 -54.55
CA TYR B 248 -9.95 -67.37 -54.13
C TYR B 248 -11.43 -67.16 -53.82
N ASP B 249 -12.27 -68.16 -54.07
CA ASP B 249 -13.71 -67.98 -53.92
C ASP B 249 -14.09 -67.61 -52.49
N GLN B 250 -13.43 -68.24 -51.50
CA GLN B 250 -13.75 -67.97 -50.11
C GLN B 250 -13.42 -66.52 -49.74
N LEU B 251 -12.17 -66.11 -49.96
CA LEU B 251 -11.78 -64.73 -49.73
C LEU B 251 -12.72 -63.77 -50.45
N LYS B 252 -13.11 -64.09 -51.69
CA LYS B 252 -14.01 -63.21 -52.42
C LYS B 252 -15.36 -63.11 -51.74
N VAL B 253 -15.86 -64.21 -51.18
CA VAL B 253 -17.12 -64.17 -50.42
C VAL B 253 -16.97 -63.23 -49.22
N TYR B 254 -15.87 -63.37 -48.47
CA TYR B 254 -15.67 -62.55 -47.29
C TYR B 254 -15.57 -61.07 -47.65
N LEU B 255 -14.76 -60.75 -48.67
CA LEU B 255 -14.66 -59.37 -49.14
C LEU B 255 -16.03 -58.84 -49.53
N GLU B 256 -16.77 -59.58 -50.35
CA GLU B 256 -18.09 -59.12 -50.78
C GLU B 256 -18.99 -58.84 -49.58
N GLN B 257 -18.95 -59.70 -48.57
CA GLN B 257 -19.77 -59.46 -47.38
C GLN B 257 -19.32 -58.19 -46.65
N ASN B 258 -18.01 -58.01 -46.52
CA ASN B 258 -17.49 -56.78 -45.93
C ASN B 258 -18.03 -55.56 -46.66
N LEU B 259 -18.03 -55.59 -47.99
CA LEU B 259 -18.51 -54.45 -48.77
C LEU B 259 -20.02 -54.27 -48.61
N ALA B 260 -20.78 -55.36 -48.46
CA ALA B 260 -22.24 -55.24 -48.40
C ALA B 260 -22.69 -54.72 -47.04
N ALA B 261 -22.00 -55.10 -45.97
CA ALA B 261 -22.37 -54.64 -44.63
C ALA B 261 -22.27 -53.13 -44.48
N GLN B 262 -21.54 -52.46 -45.36
CA GLN B 262 -21.32 -51.03 -45.25
C GLN B 262 -22.64 -50.26 -45.26
N ASP B 263 -23.60 -50.67 -46.09
CA ASP B 263 -24.87 -49.95 -46.19
C ASP B 263 -25.59 -49.92 -44.84
N ARG B 264 -25.81 -51.10 -44.26
CA ARG B 264 -26.46 -51.18 -42.95
C ARG B 264 -25.67 -50.40 -41.90
N VAL B 265 -24.35 -50.60 -41.86
CA VAL B 265 -23.56 -49.92 -40.83
C VAL B 265 -23.72 -48.41 -40.96
N LEU B 266 -23.70 -47.89 -42.19
CA LEU B 266 -23.88 -46.46 -42.38
C LEU B 266 -25.26 -46.00 -41.94
N CYS B 267 -26.28 -46.84 -42.12
CA CYS B 267 -27.59 -46.52 -41.58
C CYS B 267 -27.52 -46.35 -40.05
N ALA B 268 -26.92 -47.33 -39.37
CA ALA B 268 -26.79 -47.25 -37.92
C ALA B 268 -26.04 -46.00 -37.51
N LEU B 269 -24.94 -45.69 -38.19
CA LEU B 269 -24.12 -44.55 -37.83
C LEU B 269 -24.89 -43.25 -37.99
N THR B 270 -25.54 -43.05 -39.15
CA THR B 270 -26.27 -41.81 -39.38
C THR B 270 -27.42 -41.66 -38.40
N GLU B 271 -28.08 -42.78 -38.03
CA GLU B 271 -29.14 -42.71 -37.03
C GLU B 271 -28.58 -42.24 -35.69
N ALA B 272 -27.49 -42.87 -35.23
CA ALA B 272 -26.87 -42.47 -33.98
C ALA B 272 -26.44 -41.00 -34.02
N ASN B 273 -25.99 -40.54 -35.19
CA ASN B 273 -25.58 -39.14 -35.35
C ASN B 273 -26.77 -38.21 -35.15
N VAL B 274 -27.89 -38.51 -35.81
CA VAL B 274 -29.13 -37.77 -35.56
C VAL B 274 -29.41 -37.72 -34.07
N GLN B 275 -29.28 -38.86 -33.39
CA GLN B 275 -29.49 -38.88 -31.94
C GLN B 275 -28.41 -38.13 -31.17
N TYR B 276 -27.32 -37.75 -31.84
CA TYR B 276 -26.17 -37.14 -31.19
C TYR B 276 -26.13 -35.62 -31.35
N ALA B 277 -26.85 -35.06 -32.32
CA ALA B 277 -26.81 -33.62 -32.59
C ALA B 277 -26.85 -32.75 -31.34
N ALA B 278 -27.75 -33.07 -30.40
CA ALA B 278 -27.93 -32.25 -29.21
C ALA B 278 -26.64 -32.19 -28.38
N VAL B 279 -26.19 -33.34 -27.88
CA VAL B 279 -24.94 -33.40 -27.14
C VAL B 279 -23.81 -32.77 -27.94
N ARG B 280 -23.83 -32.93 -29.26
CA ARG B 280 -22.80 -32.31 -30.10
C ARG B 280 -22.76 -30.80 -29.87
N ARG B 281 -23.93 -30.13 -29.95
CA ARG B 281 -23.94 -28.69 -29.74
C ARG B 281 -23.60 -28.34 -28.28
N VAL B 282 -24.04 -29.16 -27.33
CA VAL B 282 -23.73 -28.91 -25.92
C VAL B 282 -22.21 -28.88 -25.72
N LEU B 283 -21.51 -29.91 -26.22
CA LEU B 283 -20.06 -29.94 -26.06
C LEU B 283 -19.39 -28.83 -26.87
N SER B 284 -19.94 -28.52 -28.05
CA SER B 284 -19.38 -27.43 -28.86
C SER B 284 -19.37 -26.12 -28.08
N ASP B 285 -20.53 -25.74 -27.54
CA ASP B 285 -20.59 -24.55 -26.69
C ASP B 285 -19.67 -24.71 -25.48
N LEU B 286 -19.61 -25.92 -24.92
CA LEU B 286 -18.78 -26.14 -23.75
C LEU B 286 -17.33 -25.74 -24.01
N ASP B 287 -16.74 -26.28 -25.07
CA ASP B 287 -15.34 -25.97 -25.32
C ASP B 287 -15.15 -24.59 -25.95
N GLN B 288 -16.20 -23.99 -26.49
CA GLN B 288 -16.13 -22.57 -26.83
C GLN B 288 -15.92 -21.73 -25.58
N LYS B 289 -16.77 -21.95 -24.57
CA LYS B 289 -16.61 -21.23 -23.30
C LYS B 289 -15.28 -21.57 -22.64
N TRP B 290 -14.90 -22.84 -22.67
CA TRP B 290 -13.61 -23.27 -22.11
C TRP B 290 -12.47 -22.50 -22.76
N ASN B 291 -12.50 -22.37 -24.09
CA ASN B 291 -11.45 -21.64 -24.78
C ASN B 291 -11.44 -20.16 -24.38
N SER B 292 -12.63 -19.53 -24.31
CA SER B 292 -12.66 -18.11 -23.99
C SER B 292 -12.16 -17.85 -22.57
N THR B 293 -12.50 -18.74 -21.62
CA THR B 293 -11.99 -18.61 -20.26
C THR B 293 -10.48 -18.79 -20.23
N LEU B 294 -9.98 -19.89 -20.79
CA LEU B 294 -8.55 -20.15 -20.81
C LEU B 294 -7.80 -18.94 -21.36
N GLN B 295 -8.27 -18.38 -22.47
CA GLN B 295 -7.56 -17.26 -23.08
C GLN B 295 -7.75 -15.96 -22.30
N THR B 296 -8.82 -15.86 -21.50
CA THR B 296 -8.93 -14.74 -20.56
C THR B 296 -7.81 -14.79 -19.53
N LEU B 297 -7.69 -15.92 -18.82
CA LEU B 297 -6.62 -16.05 -17.84
C LEU B 297 -5.25 -15.85 -18.47
N VAL B 298 -5.02 -16.47 -19.63
CA VAL B 298 -3.77 -16.26 -20.35
C VAL B 298 -3.54 -14.78 -20.64
N ALA B 299 -4.60 -14.07 -21.02
CA ALA B 299 -4.48 -12.65 -21.29
C ALA B 299 -4.02 -11.87 -20.06
N SER B 300 -4.62 -12.18 -18.90
CA SER B 300 -4.19 -11.52 -17.67
C SER B 300 -2.71 -11.78 -17.40
N TYR B 301 -2.29 -13.04 -17.41
CA TYR B 301 -0.89 -13.34 -17.16
C TYR B 301 0.02 -12.57 -18.12
N GLU B 302 -0.33 -12.55 -19.41
CA GLU B 302 0.48 -11.82 -20.37
C GLU B 302 0.49 -10.33 -20.07
N ALA B 303 -0.56 -9.83 -19.41
CA ALA B 303 -0.58 -8.43 -19.00
C ALA B 303 0.34 -8.15 -17.83
N TYR B 304 0.58 -9.15 -16.98
CA TYR B 304 1.41 -8.92 -15.79
C TYR B 304 2.73 -8.23 -16.14
N GLU B 305 3.46 -8.76 -17.12
CA GLU B 305 4.77 -8.21 -17.46
C GLU B 305 4.67 -6.73 -17.80
N ASP B 306 3.81 -6.38 -18.75
CA ASP B 306 3.66 -4.98 -19.13
C ASP B 306 3.29 -4.12 -17.94
N LEU B 307 2.40 -4.62 -17.07
CA LEU B 307 2.01 -3.86 -15.88
C LEU B 307 3.22 -3.57 -15.01
N MSE B 308 3.99 -4.59 -14.67
CA MSE B 308 5.16 -4.41 -13.80
C MSE B 308 6.15 -3.43 -14.42
O MSE B 308 6.59 -2.48 -13.75
CB MSE B 308 5.85 -5.76 -13.56
CG MSE B 308 7.16 -5.66 -12.78
SE MSE B 308 6.96 -4.84 -11.01
CE MSE B 308 6.07 -6.31 -10.09
N LYS B 309 6.49 -3.64 -15.69
CA LYS B 309 7.44 -2.75 -16.36
C LYS B 309 6.97 -1.30 -16.32
N LYS B 310 5.75 -1.06 -16.81
CA LYS B 310 5.25 0.31 -16.86
C LYS B 310 5.19 0.93 -15.46
N SER B 311 4.84 0.14 -14.46
CA SER B 311 4.83 0.65 -13.08
C SER B 311 6.22 1.08 -12.65
N GLN B 312 7.25 0.29 -12.97
CA GLN B 312 8.62 0.67 -12.63
C GLN B 312 9.03 1.95 -13.36
N GLU B 313 8.78 2.02 -14.66
CA GLU B 313 9.12 3.24 -15.40
C GLU B 313 8.42 4.45 -14.82
N GLY B 314 7.19 4.29 -14.34
CA GLY B 314 6.50 5.37 -13.66
C GLY B 314 7.10 5.71 -12.32
N ARG B 315 7.61 4.71 -11.60
CA ARG B 315 8.26 4.97 -10.32
C ARG B 315 9.53 5.79 -10.50
N ASP B 316 10.34 5.44 -11.49
CA ASP B 316 11.54 6.22 -11.77
C ASP B 316 11.19 7.62 -12.29
N PHE B 317 10.31 7.67 -13.29
CA PHE B 317 9.89 8.96 -13.85
C PHE B 317 9.40 9.91 -12.75
N TYR B 318 8.51 9.43 -11.89
CA TYR B 318 7.95 10.28 -10.85
C TYR B 318 8.92 10.53 -9.71
N ALA B 319 9.91 9.66 -9.51
CA ALA B 319 10.96 9.97 -8.55
C ALA B 319 11.80 11.15 -9.03
N ASP B 320 12.22 11.13 -10.29
CA ASP B 320 12.95 12.26 -10.86
C ASP B 320 12.12 13.54 -10.80
N LEU B 321 10.88 13.48 -11.30
CA LEU B 321 10.01 14.65 -11.24
C LEU B 321 9.89 15.16 -9.81
N GLU B 322 9.64 14.25 -8.86
CA GLU B 322 9.48 14.65 -7.46
C GLU B 322 10.74 15.34 -6.95
N SER B 323 11.91 14.89 -7.40
CA SER B 323 13.16 15.55 -7.01
C SER B 323 13.19 16.99 -7.51
N LYS B 324 12.91 17.18 -8.80
CA LYS B 324 12.88 18.54 -9.35
C LYS B 324 11.88 19.42 -8.60
N VAL B 325 10.67 18.89 -8.36
CA VAL B 325 9.62 19.69 -7.74
C VAL B 325 9.97 20.02 -6.30
N ALA B 326 10.63 19.10 -5.60
CA ALA B 326 11.05 19.36 -4.23
C ALA B 326 12.10 20.46 -4.19
N ALA B 327 13.06 20.43 -5.12
CA ALA B 327 14.03 21.53 -5.20
C ALA B 327 13.31 22.85 -5.46
N LEU B 328 12.37 22.85 -6.41
CA LEU B 328 11.63 24.07 -6.70
C LEU B 328 10.86 24.57 -5.47
N LEU B 329 10.35 23.65 -4.67
CA LEU B 329 9.60 24.03 -3.47
C LEU B 329 10.53 24.67 -2.44
N GLU B 330 11.69 24.04 -2.19
CA GLU B 330 12.66 24.67 -1.30
C GLU B 330 12.99 26.08 -1.77
N ARG B 331 13.27 26.23 -3.07
CA ARG B 331 13.61 27.55 -3.60
C ARG B 331 12.47 28.54 -3.45
N THR B 332 11.22 28.07 -3.58
CA THR B 332 10.07 28.96 -3.49
C THR B 332 9.86 29.44 -2.05
N GLN B 333 9.91 28.51 -1.09
CA GLN B 333 9.87 28.89 0.31
C GLN B 333 10.98 29.88 0.65
N SER B 334 12.18 29.62 0.15
CA SER B 334 13.31 30.50 0.42
C SER B 334 13.07 31.91 -0.13
N THR B 335 12.70 32.01 -1.41
CA THR B 335 12.54 33.32 -2.04
C THR B 335 11.36 34.08 -1.45
N CYS B 336 10.24 33.40 -1.18
CA CYS B 336 9.10 34.08 -0.57
C CYS B 336 9.44 34.55 0.84
N GLN B 337 10.16 33.73 1.61
CA GLN B 337 10.61 34.16 2.93
C GLN B 337 11.48 35.41 2.84
N ALA B 338 12.43 35.42 1.90
CA ALA B 338 13.30 36.57 1.75
C ALA B 338 12.51 37.81 1.33
N ARG B 339 11.50 37.64 0.46
CA ARG B 339 10.72 38.78 0.01
C ARG B 339 9.85 39.34 1.12
N GLU B 340 9.27 38.48 1.95
CA GLU B 340 8.43 38.95 3.04
C GLU B 340 9.26 39.52 4.19
N ALA B 341 10.50 39.05 4.35
CA ALA B 341 11.36 39.61 5.37
C ALA B 341 11.87 40.99 4.98
N ALA B 342 12.01 41.26 3.68
CA ALA B 342 12.46 42.56 3.22
C ALA B 342 11.38 43.64 3.34
N ARG B 343 10.15 43.26 3.65
CA ARG B 343 9.05 44.22 3.79
C ARG B 343 9.00 44.69 5.25
N GLN B 344 9.91 45.60 5.58
CA GLN B 344 10.02 46.13 6.94
C GLN B 344 10.80 47.44 6.95
#